data_8S9K
#
_entry.id   8S9K
#
_cell.length_a   74.814
_cell.length_b   83.765
_cell.length_c   191.120
_cell.angle_alpha   90.00
_cell.angle_beta   90.00
_cell.angle_gamma   90.00
#
_symmetry.space_group_name_H-M   'P 21 21 21'
#
loop_
_entity.id
_entity.type
_entity.pdbx_description
1 polymer 'Serine protease FAM111A'
2 non-polymer GLYCEROL
3 water water
#
_entity_poly.entity_id   1
_entity_poly.type   'polypeptide(L)'
_entity_poly.pdbx_seq_one_letter_code
;GHMGKVTKNSSSIKVVKLLVRLSDSVGYLFWDSATTGYATCFVFKGLFILTCRHVIDSIVGDGIEPSKWATIIGQCVRVT
FGYEELKDKETNYFFVEPWFEIHNEELDYAVLKLKENGQQVPMELYNGITPVPLSGLIHIIGHPYGEKKQIDACAVIPQG
QRAKKCQERVQSKKAESPEYVHMYTQRSFQKIVHNPDVITYDTEFFFGAAGSPVFDSKGSLVAMHAAGFAYTYQNETRSI
IEFGSTMESILLDIKQRHKPWYEEVFVNQQDVEMMSDEDL
;
_entity_poly.pdbx_strand_id   A,B,C,D
#
loop_
_chem_comp.id
_chem_comp.type
_chem_comp.name
_chem_comp.formula
GOL non-polymer GLYCEROL 'C3 H8 O3'
#
# COMPACT_ATOMS: atom_id res chain seq x y z
N ASN A 9 -13.73 32.88 -3.74
CA ASN A 9 -13.28 31.50 -3.58
C ASN A 9 -14.23 30.55 -4.33
N SER A 10 -15.37 31.07 -4.76
CA SER A 10 -16.34 30.27 -5.50
C SER A 10 -15.92 30.13 -6.96
N SER A 11 -16.39 29.05 -7.58
CA SER A 11 -16.06 28.74 -8.96
C SER A 11 -17.34 28.53 -9.77
N SER A 12 -17.21 28.66 -11.08
CA SER A 12 -18.33 28.43 -11.98
C SER A 12 -18.50 26.93 -12.24
N ILE A 13 -19.74 26.54 -12.52
CA ILE A 13 -20.03 25.13 -12.76
C ILE A 13 -19.30 24.61 -13.99
N LYS A 14 -19.09 25.48 -14.99
CA LYS A 14 -18.38 25.07 -16.20
C LYS A 14 -16.94 24.68 -15.90
N VAL A 15 -16.24 25.52 -15.14
CA VAL A 15 -14.84 25.24 -14.81
C VAL A 15 -14.74 23.98 -13.94
N VAL A 16 -15.68 23.80 -13.01
CA VAL A 16 -15.63 22.63 -12.14
C VAL A 16 -15.96 21.35 -12.92
N LYS A 17 -16.87 21.45 -13.89
CA LYS A 17 -17.12 20.31 -14.76
C LYS A 17 -15.90 19.95 -15.59
N LEU A 18 -15.10 20.96 -15.98
CA LEU A 18 -13.83 20.65 -16.63
C LEU A 18 -12.85 19.99 -15.66
N LEU A 19 -12.80 20.50 -14.42
CA LEU A 19 -11.82 20.02 -13.45
C LEU A 19 -12.10 18.58 -13.03
N VAL A 20 -13.38 18.20 -12.90
CA VAL A 20 -13.65 16.83 -12.49
C VAL A 20 -13.28 15.84 -13.59
N ARG A 21 -13.40 16.25 -14.85
CA ARG A 21 -12.92 15.40 -15.94
C ARG A 21 -11.40 15.33 -15.93
N LEU A 22 -10.74 16.45 -15.64
CA LEU A 22 -9.28 16.44 -15.58
C LEU A 22 -8.76 15.61 -14.41
N SER A 23 -9.54 15.51 -13.33
CA SER A 23 -9.08 14.80 -12.14
C SER A 23 -8.82 13.32 -12.41
N ASP A 24 -9.44 12.76 -13.45
CA ASP A 24 -9.18 11.37 -13.82
C ASP A 24 -7.75 11.16 -14.31
N SER A 25 -7.01 12.22 -14.57
CA SER A 25 -5.60 12.14 -14.93
C SER A 25 -4.68 12.44 -13.76
N VAL A 26 -5.23 12.67 -12.57
CA VAL A 26 -4.46 12.88 -11.36
C VAL A 26 -4.39 11.55 -10.61
N GLY A 27 -3.17 11.06 -10.39
CA GLY A 27 -2.99 9.75 -9.82
C GLY A 27 -2.31 9.71 -8.46
N TYR A 28 -2.54 8.61 -7.76
CA TYR A 28 -1.95 8.31 -6.47
C TYR A 28 -0.83 7.30 -6.69
N LEU A 29 0.40 7.72 -6.37
CA LEU A 29 1.59 6.92 -6.57
C LEU A 29 2.05 6.40 -5.21
N PHE A 30 2.20 5.08 -5.09
CA PHE A 30 2.53 4.49 -3.80
C PHE A 30 3.55 3.39 -3.96
N TRP A 31 4.38 3.22 -2.93
CA TRP A 31 5.42 2.20 -2.94
C TRP A 31 5.55 1.60 -1.56
N ASP A 32 5.89 0.30 -1.53
CA ASP A 32 6.02 -0.47 -0.30
C ASP A 32 7.13 -1.52 -0.53
N SER A 33 8.37 -1.05 -0.46
CA SER A 33 9.53 -1.94 -0.54
C SER A 33 10.40 -1.76 0.69
N ALA A 34 11.70 -1.45 0.47
CA ALA A 34 12.56 -1.10 1.60
C ALA A 34 12.10 0.20 2.25
N THR A 35 11.42 1.06 1.50
CA THR A 35 10.76 2.25 2.02
C THR A 35 9.28 2.18 1.68
N THR A 36 8.47 2.88 2.47
CA THR A 36 7.02 2.90 2.30
C THR A 36 6.54 4.33 2.21
N GLY A 37 5.79 4.65 1.16
CA GLY A 37 5.30 6.01 1.04
C GLY A 37 4.32 6.18 -0.10
N TYR A 38 3.87 7.43 -0.24
CA TYR A 38 2.89 7.82 -1.25
C TYR A 38 3.23 9.22 -1.76
N ALA A 39 2.52 9.60 -2.82
CA ALA A 39 2.64 10.92 -3.45
C ALA A 39 1.54 11.06 -4.49
N THR A 40 1.45 12.25 -5.06
CA THR A 40 0.54 12.53 -6.15
C THR A 40 1.34 12.73 -7.44
N CYS A 41 0.74 12.33 -8.56
CA CYS A 41 1.34 12.50 -9.88
C CYS A 41 0.24 12.84 -10.86
N PHE A 42 0.61 13.09 -12.11
CA PHE A 42 -0.42 13.29 -13.13
C PHE A 42 0.13 12.98 -14.51
N VAL A 43 -0.77 12.59 -15.41
CA VAL A 43 -0.39 12.23 -16.77
C VAL A 43 0.11 13.49 -17.47
N PHE A 44 1.41 13.53 -17.77
CA PHE A 44 2.03 14.70 -18.40
C PHE A 44 1.81 14.69 -19.91
N LYS A 45 2.37 13.69 -20.60
CA LYS A 45 2.23 13.56 -22.04
C LYS A 45 2.31 12.09 -22.41
N GLY A 46 1.28 11.58 -23.07
CA GLY A 46 1.28 10.18 -23.47
C GLY A 46 1.30 9.25 -22.28
N LEU A 47 2.20 8.28 -22.32
CA LEU A 47 2.37 7.34 -21.22
C LEU A 47 3.25 7.89 -20.10
N PHE A 48 3.70 9.14 -20.22
CA PHE A 48 4.58 9.73 -19.22
C PHE A 48 3.77 10.44 -18.16
N ILE A 49 4.20 10.30 -16.91
CA ILE A 49 3.59 10.97 -15.78
C ILE A 49 4.64 11.85 -15.10
N LEU A 50 4.17 12.89 -14.44
CA LEU A 50 5.01 13.87 -13.77
C LEU A 50 4.68 13.88 -12.30
N THR A 51 5.73 14.02 -11.48
CA THR A 51 5.61 14.14 -10.03
C THR A 51 6.80 14.94 -9.54
N CYS A 52 7.01 14.96 -8.22
CA CYS A 52 8.12 15.71 -7.66
C CYS A 52 9.36 14.82 -7.53
N ARG A 53 10.51 15.48 -7.36
CA ARG A 53 11.81 14.81 -7.34
C ARG A 53 12.13 14.24 -5.96
N HIS A 54 11.84 15.00 -4.90
CA HIS A 54 12.04 14.46 -3.55
C HIS A 54 11.16 13.24 -3.31
N VAL A 55 10.10 13.05 -4.12
CA VAL A 55 9.35 11.80 -4.09
C VAL A 55 10.25 10.64 -4.49
N ILE A 56 11.01 10.81 -5.57
CA ILE A 56 11.95 9.77 -5.99
C ILE A 56 13.01 9.57 -4.91
N ASP A 57 13.44 10.66 -4.28
CA ASP A 57 14.37 10.54 -3.15
C ASP A 57 13.80 9.64 -2.06
N SER A 58 12.54 9.84 -1.71
CA SER A 58 11.89 8.99 -0.71
C SER A 58 11.77 7.55 -1.19
N ILE A 59 11.53 7.35 -2.49
CA ILE A 59 11.33 6.00 -3.02
C ILE A 59 12.62 5.20 -2.95
N VAL A 60 13.75 5.82 -3.33
CA VAL A 60 14.98 5.06 -3.45
C VAL A 60 15.65 4.90 -2.09
N GLY A 61 15.76 5.98 -1.33
CA GLY A 61 16.39 5.96 -0.03
C GLY A 61 17.80 6.53 -0.06
N ASP A 62 18.34 6.76 1.14
CA ASP A 62 19.65 7.35 1.27
C ASP A 62 20.75 6.32 1.07
N GLY A 63 21.85 6.76 0.45
CA GLY A 63 23.02 5.93 0.29
C GLY A 63 22.97 4.94 -0.86
N ILE A 64 22.01 5.08 -1.77
CA ILE A 64 21.87 4.18 -2.91
C ILE A 64 22.53 4.80 -4.13
N GLU A 65 23.26 3.99 -4.88
CA GLU A 65 23.92 4.45 -6.09
C GLU A 65 22.88 4.75 -7.17
N PRO A 66 23.07 5.82 -7.94
CA PRO A 66 22.06 6.19 -8.95
C PRO A 66 21.82 5.12 -9.99
N SER A 67 22.83 4.31 -10.31
CA SER A 67 22.68 3.27 -11.33
C SER A 67 21.55 2.31 -11.02
N LYS A 68 21.13 2.21 -9.75
CA LYS A 68 20.08 1.29 -9.36
C LYS A 68 18.71 1.94 -9.32
N TRP A 69 18.64 3.27 -9.32
CA TRP A 69 17.39 3.99 -9.07
C TRP A 69 16.26 3.47 -9.93
N ALA A 70 16.45 3.49 -11.26
CA ALA A 70 15.42 3.02 -12.18
C ALA A 70 14.93 1.62 -11.81
N THR A 71 15.86 0.70 -11.58
CA THR A 71 15.49 -0.67 -11.26
C THR A 71 14.59 -0.72 -10.04
N ILE A 72 14.87 0.13 -9.04
CA ILE A 72 14.02 0.19 -7.86
C ILE A 72 12.64 0.72 -8.23
N ILE A 73 12.60 1.80 -9.01
CA ILE A 73 11.31 2.43 -9.34
C ILE A 73 10.39 1.45 -10.05
N GLY A 74 10.92 0.73 -11.04
CA GLY A 74 10.14 -0.25 -11.75
C GLY A 74 9.76 -1.49 -10.96
N GLN A 75 10.22 -1.60 -9.72
CA GLN A 75 9.94 -2.79 -8.91
C GLN A 75 8.91 -2.55 -7.82
N CYS A 76 8.77 -1.32 -7.32
CA CYS A 76 7.91 -1.08 -6.18
C CYS A 76 6.89 0.05 -6.36
N VAL A 77 6.97 0.83 -7.44
CA VAL A 77 6.10 1.98 -7.62
C VAL A 77 4.84 1.55 -8.37
N ARG A 78 3.67 1.87 -7.81
CA ARG A 78 2.39 1.62 -8.45
C ARG A 78 1.62 2.93 -8.51
N VAL A 79 0.83 3.11 -9.58
CA VAL A 79 0.09 4.36 -9.78
C VAL A 79 -1.36 4.02 -10.09
N THR A 80 -2.29 4.58 -9.32
CA THR A 80 -3.71 4.37 -9.57
C THR A 80 -4.42 5.70 -9.77
N PHE A 81 -5.31 5.75 -10.76
CA PHE A 81 -6.04 6.97 -11.07
C PHE A 81 -7.48 6.97 -10.59
N GLY A 82 -7.98 5.85 -10.08
CA GLY A 82 -9.35 5.77 -9.63
C GLY A 82 -9.52 5.77 -8.13
N TYR A 83 -8.59 6.40 -7.41
CA TYR A 83 -8.64 6.46 -5.96
C TYR A 83 -9.56 7.62 -5.55
N GLU A 84 -10.85 7.32 -5.52
CA GLU A 84 -11.85 8.26 -5.04
C GLU A 84 -12.50 7.83 -3.73
N GLU A 85 -12.36 6.56 -3.34
CA GLU A 85 -12.88 6.07 -2.07
C GLU A 85 -11.83 5.17 -1.43
N LEU A 86 -12.06 4.82 -0.16
CA LEU A 86 -11.08 4.07 0.60
C LEU A 86 -10.81 2.70 -0.03
N LYS A 87 -11.85 2.07 -0.59
CA LYS A 87 -11.69 0.75 -1.19
C LYS A 87 -10.76 0.79 -2.39
N ASP A 88 -10.73 1.90 -3.12
CA ASP A 88 -9.94 2.03 -4.34
C ASP A 88 -8.52 2.53 -4.09
N LYS A 89 -8.02 2.39 -2.87
CA LYS A 89 -6.75 3.02 -2.51
C LYS A 89 -5.58 2.36 -3.22
N GLU A 90 -5.56 1.03 -3.30
CA GLU A 90 -4.42 0.32 -3.89
C GLU A 90 -4.92 -0.76 -4.85
N THR A 91 -5.88 -0.40 -5.70
CA THR A 91 -6.42 -1.32 -6.70
C THR A 91 -6.40 -0.64 -8.06
N ASN A 92 -6.42 -1.46 -9.10
CA ASN A 92 -6.44 -0.99 -10.49
C ASN A 92 -5.28 -0.04 -10.76
N TYR A 93 -4.08 -0.55 -10.56
CA TYR A 93 -2.88 0.26 -10.65
C TYR A 93 -2.02 -0.15 -11.84
N PHE A 94 -1.35 0.85 -12.42
CA PHE A 94 -0.32 0.66 -13.42
C PHE A 94 1.04 0.51 -12.74
N PHE A 95 1.90 -0.28 -13.38
CA PHE A 95 3.31 -0.33 -13.02
C PHE A 95 4.06 0.77 -13.76
N VAL A 96 5.33 0.94 -13.39
CA VAL A 96 6.18 1.98 -13.96
C VAL A 96 7.37 1.31 -14.64
N GLU A 97 7.69 1.75 -15.84
CA GLU A 97 8.84 1.22 -16.55
C GLU A 97 10.12 1.52 -15.78
N PRO A 98 11.07 0.58 -15.73
CA PRO A 98 12.32 0.85 -15.01
C PRO A 98 13.18 1.87 -15.74
N TRP A 99 12.75 3.13 -15.69
CA TRP A 99 13.36 4.18 -16.50
C TRP A 99 13.25 5.50 -15.74
N PHE A 100 14.39 6.17 -15.56
CA PHE A 100 14.44 7.42 -14.81
C PHE A 100 15.53 8.28 -15.43
N GLU A 101 15.14 9.31 -16.17
CA GLU A 101 16.09 10.14 -16.93
C GLU A 101 15.75 11.61 -16.95
N ILE A 102 14.49 12.01 -16.86
CA ILE A 102 14.08 13.41 -16.97
C ILE A 102 13.70 13.90 -15.58
N HIS A 103 14.53 14.76 -14.99
CA HIS A 103 14.27 15.28 -13.65
C HIS A 103 15.20 16.44 -13.37
N ASN A 104 14.93 17.14 -12.27
CA ASN A 104 15.72 18.29 -11.83
C ASN A 104 15.44 18.53 -10.36
N GLU A 105 16.50 18.69 -9.56
CA GLU A 105 16.35 18.88 -8.12
C GLU A 105 15.91 20.29 -7.78
N GLU A 106 16.41 21.30 -8.48
CA GLU A 106 16.06 22.68 -8.18
C GLU A 106 14.58 22.95 -8.45
N LEU A 107 14.13 22.66 -9.68
CA LEU A 107 12.73 22.85 -10.01
C LEU A 107 11.84 21.76 -9.41
N ASP A 108 12.45 20.66 -8.92
CA ASP A 108 11.73 19.64 -8.16
C ASP A 108 10.65 18.97 -9.00
N TYR A 109 11.08 18.31 -10.08
CA TYR A 109 10.18 17.54 -10.90
C TYR A 109 10.85 16.25 -11.35
N ALA A 110 10.04 15.27 -11.71
CA ALA A 110 10.51 13.96 -12.13
C ALA A 110 9.49 13.33 -13.06
N VAL A 111 9.99 12.76 -14.16
CA VAL A 111 9.16 12.13 -15.18
C VAL A 111 9.34 10.62 -15.08
N LEU A 112 8.22 9.90 -15.00
CA LEU A 112 8.20 8.44 -15.04
C LEU A 112 7.35 7.99 -16.23
N LYS A 113 7.47 6.72 -16.58
CA LYS A 113 6.73 6.15 -17.70
C LYS A 113 5.87 5.00 -17.22
N LEU A 114 4.59 5.04 -17.56
CA LEU A 114 3.66 3.97 -17.18
C LEU A 114 3.86 2.75 -18.08
N LYS A 115 3.56 1.58 -17.53
CA LYS A 115 3.65 0.34 -18.28
C LYS A 115 2.24 -0.11 -18.66
N GLU A 116 2.00 -0.27 -19.95
CA GLU A 116 0.68 -0.62 -20.45
C GLU A 116 0.31 -2.04 -20.02
N ASN A 117 -0.85 -2.17 -19.38
CA ASN A 117 -1.36 -3.46 -18.91
C ASN A 117 -2.75 -3.73 -19.45
N GLY A 118 -3.08 -3.17 -20.61
CA GLY A 118 -4.39 -3.35 -21.20
C GLY A 118 -5.47 -2.42 -20.70
N GLN A 119 -5.13 -1.48 -19.84
CA GLN A 119 -6.09 -0.52 -19.30
C GLN A 119 -6.05 0.78 -20.09
N GLN A 120 -7.00 1.66 -19.81
CA GLN A 120 -7.11 2.94 -20.48
C GLN A 120 -6.23 3.95 -19.76
N VAL A 121 -5.23 4.48 -20.45
CA VAL A 121 -4.36 5.50 -19.87
C VAL A 121 -5.09 6.84 -19.89
N PRO A 122 -5.12 7.57 -18.79
CA PRO A 122 -5.88 8.83 -18.74
C PRO A 122 -5.37 9.85 -19.74
N MET A 123 -6.26 10.77 -20.11
CA MET A 123 -5.92 11.83 -21.04
C MET A 123 -4.79 12.69 -20.49
N GLU A 124 -3.90 13.12 -21.39
CA GLU A 124 -2.78 13.97 -20.98
C GLU A 124 -3.29 15.35 -20.55
N LEU A 125 -2.65 15.90 -19.52
CA LEU A 125 -3.06 17.20 -18.99
C LEU A 125 -2.29 18.37 -19.58
N TYR A 126 -1.20 18.11 -20.31
CA TYR A 126 -0.43 19.18 -20.94
C TYR A 126 -1.04 19.47 -22.31
N ASN A 127 -1.82 20.54 -22.39
CA ASN A 127 -2.39 21.00 -23.64
C ASN A 127 -1.55 22.08 -24.31
N GLY A 128 -0.51 22.56 -23.63
CA GLY A 128 0.29 23.67 -24.11
C GLY A 128 0.72 24.55 -22.94
N ILE A 129 1.57 25.53 -23.21
CA ILE A 129 2.07 26.40 -22.16
C ILE A 129 1.03 27.47 -21.84
N THR A 130 0.61 27.53 -20.58
CA THR A 130 -0.35 28.51 -20.09
C THR A 130 0.34 29.43 -19.11
N PRO A 131 0.20 30.75 -19.24
CA PRO A 131 0.91 31.67 -18.34
C PRO A 131 0.43 31.52 -16.91
N VAL A 132 1.35 31.75 -15.98
CA VAL A 132 1.06 31.62 -14.55
C VAL A 132 0.25 32.83 -14.10
N PRO A 133 -0.85 32.63 -13.38
CA PRO A 133 -1.63 33.79 -12.89
C PRO A 133 -0.87 34.53 -11.80
N LEU A 134 -0.83 35.86 -11.91
CA LEU A 134 -0.17 36.68 -10.91
C LEU A 134 -1.00 36.85 -9.65
N SER A 135 -2.31 36.57 -9.72
CA SER A 135 -3.20 36.67 -8.58
C SER A 135 -4.47 35.90 -8.89
N GLY A 136 -5.40 35.91 -7.94
CA GLY A 136 -6.69 35.28 -8.16
C GLY A 136 -6.80 33.88 -7.61
N LEU A 137 -7.67 33.08 -8.23
CA LEU A 137 -8.02 31.76 -7.73
C LEU A 137 -7.29 30.68 -8.50
N ILE A 138 -6.93 29.60 -7.80
CA ILE A 138 -6.38 28.41 -8.43
C ILE A 138 -7.08 27.18 -7.87
N HIS A 139 -6.85 26.04 -8.50
CA HIS A 139 -7.44 24.77 -8.09
C HIS A 139 -6.36 23.70 -8.06
N ILE A 140 -6.18 23.07 -6.90
CA ILE A 140 -5.20 22.00 -6.73
C ILE A 140 -5.95 20.69 -6.61
N ILE A 141 -5.53 19.68 -7.38
CA ILE A 141 -6.15 18.35 -7.32
C ILE A 141 -5.09 17.35 -6.92
N GLY A 142 -5.35 16.60 -5.85
CA GLY A 142 -4.35 15.65 -5.41
C GLY A 142 -4.87 14.74 -4.31
N HIS A 143 -3.93 14.04 -3.66
CA HIS A 143 -4.22 13.11 -2.58
C HIS A 143 -3.50 13.57 -1.31
N PRO A 144 -4.01 14.61 -0.64
CA PRO A 144 -3.37 15.05 0.61
C PRO A 144 -3.54 14.04 1.73
N TYR A 145 -2.52 13.91 2.56
CA TYR A 145 -2.48 12.95 3.67
C TYR A 145 -2.63 11.51 3.18
N GLY A 146 -2.40 11.26 1.90
CA GLY A 146 -2.64 9.94 1.35
C GLY A 146 -4.09 9.56 1.28
N GLU A 147 -5.00 10.52 1.41
CA GLU A 147 -6.42 10.24 1.43
C GLU A 147 -6.97 10.13 0.01
N LYS A 148 -8.28 9.97 -0.08
CA LYS A 148 -8.95 9.93 -1.38
C LYS A 148 -8.71 11.24 -2.14
N LYS A 149 -8.94 11.19 -3.45
CA LYS A 149 -8.67 12.34 -4.31
C LYS A 149 -9.55 13.52 -3.93
N GLN A 150 -8.93 14.69 -3.82
CA GLN A 150 -9.61 15.89 -3.38
C GLN A 150 -9.17 17.06 -4.25
N ILE A 151 -10.01 18.10 -4.25
CA ILE A 151 -9.76 19.34 -4.99
C ILE A 151 -9.96 20.51 -4.04
N ASP A 152 -9.06 21.50 -4.13
CA ASP A 152 -9.10 22.67 -3.27
C ASP A 152 -9.01 23.93 -4.11
N ALA A 153 -9.86 24.91 -3.79
CA ALA A 153 -9.81 26.23 -4.39
C ALA A 153 -8.99 27.14 -3.47
N CYS A 154 -7.91 27.71 -4.02
CA CYS A 154 -6.90 28.36 -3.22
C CYS A 154 -6.63 29.78 -3.71
N ALA A 155 -6.14 30.60 -2.79
CA ALA A 155 -5.76 31.98 -3.08
C ALA A 155 -4.26 32.06 -3.35
N VAL A 156 -3.92 32.73 -4.46
CA VAL A 156 -2.54 32.91 -4.88
C VAL A 156 -1.94 34.09 -4.13
N ILE A 157 -0.71 33.90 -3.64
CA ILE A 157 0.04 34.96 -2.99
C ILE A 157 0.97 35.58 -4.04
N PRO A 158 0.74 36.82 -4.46
CA PRO A 158 1.62 37.43 -5.47
C PRO A 158 3.06 37.47 -4.98
N GLN A 159 3.99 37.39 -5.93
CA GLN A 159 5.41 37.32 -5.59
C GLN A 159 5.83 38.51 -4.75
N GLY A 160 5.42 39.71 -5.15
CA GLY A 160 5.79 40.93 -4.42
C GLY A 160 5.34 40.94 -2.98
N GLN A 161 4.32 40.15 -2.63
CA GLN A 161 3.84 40.08 -1.26
C GLN A 161 4.42 38.90 -0.48
N ARG A 162 5.16 38.00 -1.13
CA ARG A 162 5.66 36.82 -0.45
C ARG A 162 6.52 37.19 0.75
N ALA A 163 7.39 38.19 0.61
CA ALA A 163 8.24 38.59 1.72
C ALA A 163 7.41 39.16 2.87
N LYS A 164 6.31 39.83 2.56
CA LYS A 164 5.48 40.40 3.62
C LYS A 164 4.74 39.32 4.38
N LYS A 165 3.86 38.58 3.70
CA LYS A 165 3.04 37.54 4.30
C LYS A 165 3.82 36.67 5.28
N CYS A 166 4.91 36.06 4.80
CA CYS A 166 5.75 35.22 5.66
C CYS A 166 6.08 35.91 6.97
N GLN A 167 6.66 37.11 6.89
CA GLN A 167 7.08 37.80 8.11
C GLN A 167 5.89 38.11 9.01
N GLU A 168 4.72 38.37 8.43
CA GLU A 168 3.52 38.52 9.25
C GLU A 168 3.19 37.22 9.95
N ARG A 169 3.16 36.11 9.19
CA ARG A 169 2.70 34.84 9.75
C ARG A 169 3.62 34.32 10.84
N VAL A 170 4.90 34.71 10.81
CA VAL A 170 5.79 34.36 11.90
C VAL A 170 5.53 35.22 13.13
N GLN A 171 5.23 36.50 12.93
CA GLN A 171 5.01 37.40 14.05
C GLN A 171 3.60 37.29 14.62
N SER A 172 2.65 36.75 13.87
CA SER A 172 1.29 36.59 14.34
C SER A 172 1.19 35.44 15.34
N MET A 183 12.23 26.41 14.55
CA MET A 183 11.41 26.24 13.36
C MET A 183 12.10 26.82 12.12
N TYR A 184 11.79 28.08 11.80
CA TYR A 184 12.32 28.72 10.61
C TYR A 184 12.68 30.17 10.94
N THR A 185 13.07 30.91 9.90
CA THR A 185 13.31 32.35 9.97
C THR A 185 13.13 32.89 8.56
N GLN A 186 12.97 34.21 8.45
CA GLN A 186 12.92 34.83 7.13
C GLN A 186 14.18 34.54 6.31
N ARG A 187 15.27 34.15 6.96
CA ARG A 187 16.47 33.70 6.27
C ARG A 187 16.28 32.34 5.58
N SER A 188 15.17 31.64 5.86
CA SER A 188 14.93 30.33 5.27
C SER A 188 14.05 30.38 4.03
N PHE A 189 13.24 31.43 3.86
CA PHE A 189 12.39 31.56 2.68
C PHE A 189 13.13 32.17 1.50
N GLN A 190 14.44 32.38 1.62
CA GLN A 190 15.20 33.04 0.56
C GLN A 190 15.10 32.34 -0.79
N LYS A 191 14.62 31.10 -0.82
CA LYS A 191 14.57 30.35 -2.07
C LYS A 191 13.24 30.49 -2.80
N ILE A 192 12.27 31.22 -2.25
CA ILE A 192 10.96 31.31 -2.90
C ILE A 192 10.49 32.75 -2.92
N VAL A 193 11.11 33.60 -2.11
CA VAL A 193 10.64 34.98 -2.01
C VAL A 193 10.77 35.70 -3.35
N HIS A 194 11.91 35.56 -4.02
CA HIS A 194 12.10 36.21 -5.31
C HIS A 194 12.24 35.19 -6.44
N ASN A 195 11.52 34.08 -6.34
CA ASN A 195 11.60 33.02 -7.32
C ASN A 195 10.46 33.14 -8.31
N PRO A 196 10.73 33.53 -9.58
CA PRO A 196 9.66 33.57 -10.57
C PRO A 196 9.29 32.19 -11.12
N ASP A 197 10.07 31.16 -10.83
CA ASP A 197 9.79 29.82 -11.32
C ASP A 197 8.79 29.07 -10.45
N VAL A 198 8.38 29.63 -9.32
CA VAL A 198 7.41 29.00 -8.45
C VAL A 198 6.24 29.94 -8.24
N ILE A 199 5.10 29.35 -7.89
CA ILE A 199 3.87 30.08 -7.56
C ILE A 199 3.52 29.74 -6.12
N THR A 200 3.24 30.78 -5.33
CA THR A 200 2.92 30.64 -3.93
C THR A 200 1.43 30.81 -3.69
N TYR A 201 0.91 30.14 -2.68
CA TYR A 201 -0.52 30.13 -2.41
C TYR A 201 -0.78 29.61 -1.01
N ASP A 202 -2.02 29.81 -0.56
CA ASP A 202 -2.52 29.29 0.71
C ASP A 202 -3.49 28.15 0.41
N THR A 203 -3.10 26.93 0.77
CA THR A 203 -3.92 25.75 0.54
C THR A 203 -3.96 24.89 1.79
N GLU A 204 -4.89 23.93 1.78
CA GLU A 204 -4.98 22.91 2.82
C GLU A 204 -4.28 21.62 2.45
N PHE A 205 -3.80 21.51 1.21
CA PHE A 205 -3.10 20.32 0.74
C PHE A 205 -1.60 20.45 0.96
N PHE A 206 -1.21 20.85 2.18
CA PHE A 206 0.19 21.10 2.50
C PHE A 206 0.91 19.88 3.06
N PHE A 207 0.29 18.69 3.01
CA PHE A 207 0.90 17.49 3.58
C PHE A 207 0.72 16.35 2.60
N GLY A 208 1.83 15.85 2.04
CA GLY A 208 1.83 14.69 1.17
C GLY A 208 1.19 14.88 -0.18
N ALA A 209 0.89 16.11 -0.59
CA ALA A 209 0.27 16.39 -1.87
C ALA A 209 1.29 16.76 -2.94
N ALA A 210 2.56 16.42 -2.74
CA ALA A 210 3.58 16.73 -3.74
C ALA A 210 3.26 16.03 -5.05
N GLY A 211 3.30 16.80 -6.13
CA GLY A 211 2.92 16.29 -7.43
C GLY A 211 1.48 16.53 -7.81
N SER A 212 0.74 17.29 -7.02
CA SER A 212 -0.65 17.60 -7.34
C SER A 212 -0.71 18.72 -8.38
N PRO A 213 -1.39 18.52 -9.49
CA PRO A 213 -1.54 19.60 -10.47
C PRO A 213 -2.30 20.79 -9.89
N VAL A 214 -1.87 21.98 -10.33
CA VAL A 214 -2.46 23.26 -9.96
C VAL A 214 -2.89 23.95 -11.25
N PHE A 215 -4.19 24.20 -11.37
CA PHE A 215 -4.80 24.81 -12.55
C PHE A 215 -5.24 26.23 -12.22
N ASP A 216 -5.31 27.07 -13.25
CA ASP A 216 -5.77 28.43 -13.07
C ASP A 216 -7.29 28.46 -12.92
N SER A 217 -7.86 29.67 -12.84
CA SER A 217 -9.29 29.82 -12.63
C SER A 217 -10.10 29.32 -13.81
N LYS A 218 -9.49 29.10 -14.96
CA LYS A 218 -10.18 28.61 -16.15
C LYS A 218 -9.99 27.11 -16.37
N GLY A 219 -9.21 26.44 -15.52
CA GLY A 219 -8.97 25.02 -15.65
C GLY A 219 -7.77 24.60 -16.47
N SER A 220 -6.83 25.51 -16.73
CA SER A 220 -5.63 25.18 -17.48
C SER A 220 -4.50 24.82 -16.52
N LEU A 221 -3.79 23.73 -16.81
CA LEU A 221 -2.65 23.32 -16.00
C LEU A 221 -1.58 24.39 -16.02
N VAL A 222 -1.24 24.92 -14.83
CA VAL A 222 -0.26 25.99 -14.77
C VAL A 222 0.95 25.61 -13.92
N ALA A 223 0.78 24.73 -12.93
CA ALA A 223 1.92 24.41 -12.07
C ALA A 223 1.71 23.04 -11.42
N MET A 224 2.71 22.64 -10.63
CA MET A 224 2.68 21.40 -9.86
C MET A 224 3.10 21.71 -8.43
N HIS A 225 2.23 21.38 -7.47
CA HIS A 225 2.49 21.68 -6.06
C HIS A 225 3.73 20.93 -5.57
N ALA A 226 4.60 21.64 -4.85
CA ALA A 226 5.85 21.03 -4.40
C ALA A 226 5.78 20.64 -2.93
N ALA A 227 5.80 21.62 -2.04
CA ALA A 227 5.85 21.36 -0.61
C ALA A 227 5.34 22.58 0.15
N GLY A 228 5.56 22.57 1.46
CA GLY A 228 5.18 23.68 2.33
C GLY A 228 6.09 23.76 3.54
N PHE A 229 5.67 24.51 4.57
CA PHE A 229 6.47 24.71 5.78
C PHE A 229 5.56 24.43 6.97
N ALA A 230 5.68 23.25 7.56
CA ALA A 230 4.76 22.80 8.58
C ALA A 230 5.16 23.27 9.97
N TYR A 231 4.15 23.52 10.80
CA TYR A 231 4.33 23.83 12.21
C TYR A 231 3.15 23.26 12.98
N THR A 232 3.26 23.25 14.30
CA THR A 232 2.23 22.72 15.16
C THR A 232 1.58 23.85 15.96
N TYR A 233 0.26 23.80 16.03
CA TYR A 233 -0.53 24.81 16.74
C TYR A 233 -1.78 24.13 17.27
N GLN A 234 -1.94 24.13 18.59
CA GLN A 234 -3.10 23.51 19.25
C GLN A 234 -3.32 22.07 18.77
N ASN A 235 -2.26 21.27 18.87
CA ASN A 235 -2.25 19.86 18.48
C ASN A 235 -2.61 19.63 17.02
N GLU A 236 -2.59 20.68 16.19
CA GLU A 236 -2.96 20.58 14.79
C GLU A 236 -1.81 21.07 13.93
N THR A 237 -1.51 20.35 12.86
CA THR A 237 -0.41 20.69 11.97
C THR A 237 -0.91 21.66 10.90
N ARG A 238 -0.31 22.85 10.87
CA ARG A 238 -0.62 23.89 9.89
C ARG A 238 0.63 24.16 9.05
N SER A 239 0.49 25.04 8.07
CA SER A 239 1.60 25.42 7.20
C SER A 239 1.60 26.92 6.97
N ILE A 240 2.78 27.50 6.88
CA ILE A 240 2.90 28.95 6.73
C ILE A 240 2.56 29.38 5.30
N ILE A 241 3.20 28.76 4.31
CA ILE A 241 2.99 29.11 2.91
C ILE A 241 3.24 27.86 2.08
N GLU A 242 2.55 27.77 0.94
CA GLU A 242 2.77 26.64 0.05
C GLU A 242 3.19 27.15 -1.32
N PHE A 243 3.96 26.33 -2.04
CA PHE A 243 4.46 26.74 -3.35
C PHE A 243 4.48 25.56 -4.29
N GLY A 244 4.63 25.87 -5.57
CA GLY A 244 4.69 24.85 -6.60
C GLY A 244 5.51 25.33 -7.78
N SER A 245 6.14 24.37 -8.47
CA SER A 245 6.93 24.69 -9.64
C SER A 245 6.03 24.92 -10.85
N THR A 246 6.25 26.03 -11.55
CA THR A 246 5.40 26.37 -12.67
C THR A 246 5.69 25.47 -13.86
N MET A 247 4.63 25.13 -14.61
CA MET A 247 4.78 24.26 -15.77
C MET A 247 5.66 24.91 -16.82
N GLU A 248 5.64 26.25 -16.91
CA GLU A 248 6.51 26.94 -17.85
C GLU A 248 7.98 26.65 -17.55
N SER A 249 8.37 26.76 -16.28
CA SER A 249 9.75 26.51 -15.89
C SER A 249 10.15 25.06 -16.13
N ILE A 250 9.27 24.13 -15.80
CA ILE A 250 9.58 22.71 -15.98
C ILE A 250 9.76 22.39 -17.45
N LEU A 251 8.85 22.89 -18.29
CA LEU A 251 8.93 22.57 -19.71
C LEU A 251 10.13 23.25 -20.38
N LEU A 252 10.49 24.45 -19.92
CA LEU A 252 11.67 25.11 -20.46
C LEU A 252 12.94 24.37 -20.08
N ASP A 253 13.03 23.93 -18.82
CA ASP A 253 14.19 23.13 -18.40
C ASP A 253 14.28 21.82 -19.18
N ILE A 254 13.14 21.22 -19.49
CA ILE A 254 13.16 20.00 -20.29
C ILE A 254 13.62 20.31 -21.72
N LYS A 255 13.12 21.42 -22.29
CA LYS A 255 13.55 21.83 -23.63
C LYS A 255 15.06 22.03 -23.69
N GLN A 256 15.65 22.59 -22.63
CA GLN A 256 17.08 22.91 -22.66
C GLN A 256 17.94 21.70 -22.34
N ARG A 257 17.60 20.95 -21.29
CA ARG A 257 18.45 19.86 -20.83
C ARG A 257 18.21 18.54 -21.58
N HIS A 258 16.95 18.25 -21.93
CA HIS A 258 16.63 17.01 -22.62
C HIS A 258 15.98 17.28 -23.96
N LYS A 259 16.69 17.98 -24.85
CA LYS A 259 16.11 18.36 -26.13
C LYS A 259 15.76 17.18 -27.04
N PRO A 260 16.59 16.15 -27.20
CA PRO A 260 16.18 15.02 -28.06
C PRO A 260 14.91 14.35 -27.59
N TRP A 261 14.79 14.08 -26.29
CA TRP A 261 13.57 13.48 -25.76
C TRP A 261 12.38 14.41 -25.95
N TYR A 262 12.58 15.71 -25.76
CA TYR A 262 11.50 16.66 -25.96
C TYR A 262 10.99 16.63 -27.39
N GLU A 263 11.90 16.61 -28.37
CA GLU A 263 11.45 16.57 -29.76
C GLU A 263 10.86 15.20 -30.10
N GLU A 264 11.33 14.14 -29.46
CA GLU A 264 10.79 12.81 -29.74
C GLU A 264 9.38 12.65 -29.20
N VAL A 265 9.03 13.36 -28.14
CA VAL A 265 7.75 13.16 -27.47
C VAL A 265 6.73 14.23 -27.82
N PHE A 266 7.15 15.49 -27.94
CA PHE A 266 6.22 16.61 -27.88
C PHE A 266 5.82 17.19 -29.24
N VAL A 267 6.68 17.17 -30.24
CA VAL A 267 6.36 17.85 -31.50
C VAL A 267 5.77 16.87 -32.51
N ASN A 268 6.18 15.61 -32.44
CA ASN A 268 5.71 14.62 -33.40
C ASN A 268 4.36 14.03 -33.00
N GLY B 1 13.98 7.24 16.59
CA GLY B 1 14.55 8.57 16.61
C GLY B 1 14.11 9.48 15.48
N HIS B 2 14.49 10.78 15.56
CA HIS B 2 14.17 11.76 14.53
C HIS B 2 15.03 13.01 14.61
N MET B 3 16.05 13.11 13.76
CA MET B 3 16.94 14.26 13.82
C MET B 3 17.65 14.51 12.49
N GLY B 4 17.98 13.44 11.78
CA GLY B 4 18.66 13.59 10.51
C GLY B 4 18.50 12.40 9.58
N LYS B 5 19.59 12.00 8.92
CA LYS B 5 19.59 10.82 8.08
C LYS B 5 19.26 9.59 8.90
N VAL B 6 17.97 9.23 8.96
CA VAL B 6 17.49 8.17 9.83
C VAL B 6 16.72 7.16 8.99
N THR B 7 17.09 5.89 9.13
CA THR B 7 16.26 4.78 8.65
C THR B 7 15.27 4.45 9.75
N LYS B 8 13.97 4.49 9.42
CA LYS B 8 12.95 4.34 10.43
C LYS B 8 12.98 2.95 11.05
N ASN B 9 12.87 2.91 12.38
CA ASN B 9 13.05 1.69 13.16
C ASN B 9 11.73 1.02 13.52
N SER B 10 10.60 1.62 13.19
CA SER B 10 9.30 1.07 13.56
C SER B 10 8.84 0.03 12.54
N SER B 11 7.98 -0.88 13.02
CA SER B 11 7.45 -1.94 12.18
C SER B 11 5.96 -2.09 12.44
N SER B 12 5.27 -2.73 11.50
CA SER B 12 3.85 -2.96 11.64
C SER B 12 3.59 -4.17 12.54
N ILE B 13 2.47 -4.11 13.27
CA ILE B 13 2.12 -5.20 14.18
C ILE B 13 1.98 -6.51 13.43
N LYS B 14 1.47 -6.46 12.20
CA LYS B 14 1.38 -7.66 11.37
C LYS B 14 2.75 -8.30 11.17
N VAL B 15 3.75 -7.48 10.80
CA VAL B 15 5.08 -8.01 10.53
C VAL B 15 5.73 -8.53 11.82
N VAL B 16 5.52 -7.84 12.94
CA VAL B 16 6.10 -8.29 14.20
C VAL B 16 5.47 -9.60 14.64
N LYS B 17 4.17 -9.77 14.42
CA LYS B 17 3.53 -11.04 14.71
C LYS B 17 4.08 -12.15 13.82
N LEU B 18 4.28 -11.86 12.53
CA LEU B 18 4.92 -12.84 11.66
C LEU B 18 6.32 -13.19 12.15
N LEU B 19 7.06 -12.20 12.63
CA LEU B 19 8.42 -12.45 13.08
C LEU B 19 8.45 -13.31 14.34
N VAL B 20 7.53 -13.07 15.29
CA VAL B 20 7.53 -13.88 16.49
C VAL B 20 7.01 -15.29 16.18
N ARG B 21 6.17 -15.44 15.16
CA ARG B 21 5.81 -16.79 14.73
C ARG B 21 7.01 -17.50 14.11
N LEU B 22 7.79 -16.79 13.28
CA LEU B 22 8.94 -17.40 12.62
C LEU B 22 10.07 -17.69 13.61
N SER B 23 10.13 -16.96 14.72
CA SER B 23 11.18 -17.20 15.71
C SER B 23 11.14 -18.62 16.26
N ASP B 24 9.99 -19.28 16.20
CA ASP B 24 9.91 -20.69 16.61
C ASP B 24 10.76 -21.60 15.73
N SER B 25 11.23 -21.12 14.59
CA SER B 25 12.10 -21.89 13.71
C SER B 25 13.57 -21.54 13.89
N VAL B 26 13.89 -20.62 14.78
CA VAL B 26 15.26 -20.25 15.09
C VAL B 26 15.74 -21.10 16.25
N GLY B 27 16.91 -21.71 16.11
CA GLY B 27 17.39 -22.68 17.06
C GLY B 27 18.73 -22.31 17.66
N TYR B 28 18.92 -22.67 18.92
CA TYR B 28 20.18 -22.55 19.63
C TYR B 28 20.94 -23.86 19.45
N LEU B 29 22.10 -23.79 18.82
CA LEU B 29 22.91 -24.96 18.49
C LEU B 29 24.11 -24.98 19.44
N PHE B 30 24.15 -25.98 20.31
CA PHE B 30 25.26 -26.13 21.25
C PHE B 30 25.91 -27.48 21.06
N TRP B 31 27.24 -27.51 21.20
CA TRP B 31 28.00 -28.72 20.95
C TRP B 31 29.04 -28.92 22.04
N ASP B 32 29.26 -30.20 22.38
CA ASP B 32 30.22 -30.64 23.39
C ASP B 32 31.11 -31.68 22.71
N SER B 33 32.12 -31.21 22.00
CA SER B 33 33.04 -32.10 21.30
C SER B 33 34.45 -31.98 21.87
N ALA B 34 35.44 -31.80 21.00
CA ALA B 34 36.77 -31.44 21.49
C ALA B 34 36.78 -30.04 22.06
N THR B 35 35.86 -29.19 21.59
CA THR B 35 35.63 -27.87 22.16
C THR B 35 34.13 -27.73 22.46
N THR B 36 33.83 -26.86 23.41
CA THR B 36 32.45 -26.54 23.77
C THR B 36 32.05 -25.24 23.10
N GLY B 37 30.86 -25.21 22.50
CA GLY B 37 30.47 -23.98 21.83
C GLY B 37 28.99 -23.86 21.60
N TYR B 38 28.59 -22.66 21.19
CA TYR B 38 27.20 -22.36 20.86
C TYR B 38 27.15 -21.49 19.60
N ALA B 39 25.99 -21.48 18.98
CA ALA B 39 25.72 -20.71 17.76
C ALA B 39 24.22 -20.71 17.54
N THR B 40 23.80 -20.08 16.45
CA THR B 40 22.40 -20.03 16.05
C THR B 40 22.23 -20.73 14.71
N CYS B 41 21.08 -21.37 14.53
CA CYS B 41 20.74 -22.01 13.26
C CYS B 41 19.26 -21.77 13.00
N PHE B 42 18.78 -22.22 11.85
CA PHE B 42 17.33 -22.17 11.64
C PHE B 42 16.90 -23.23 10.65
N VAL B 43 15.62 -23.57 10.71
CA VAL B 43 15.07 -24.60 9.82
C VAL B 43 15.02 -24.04 8.41
N PHE B 44 15.80 -24.65 7.50
CA PHE B 44 15.91 -24.21 6.13
C PHE B 44 14.79 -24.79 5.27
N LYS B 45 14.74 -26.12 5.15
CA LYS B 45 13.78 -26.78 4.28
C LYS B 45 13.51 -28.17 4.83
N GLY B 46 12.27 -28.42 5.23
CA GLY B 46 11.93 -29.72 5.79
C GLY B 46 12.71 -29.96 7.07
N LEU B 47 13.43 -31.09 7.11
CA LEU B 47 14.28 -31.42 8.24
C LEU B 47 15.66 -30.78 8.16
N PHE B 48 16.01 -30.18 7.02
CA PHE B 48 17.31 -29.56 6.87
C PHE B 48 17.34 -28.22 7.59
N ILE B 49 18.44 -27.95 8.29
CA ILE B 49 18.67 -26.68 8.95
C ILE B 49 19.94 -26.07 8.39
N LEU B 50 20.02 -24.75 8.55
CA LEU B 50 21.12 -23.96 8.01
C LEU B 50 21.83 -23.25 9.16
N THR B 51 23.16 -23.25 9.09
CA THR B 51 24.01 -22.49 10.00
C THR B 51 25.26 -22.07 9.23
N CYS B 52 26.25 -21.52 9.93
CA CYS B 52 27.47 -21.05 9.29
C CYS B 52 28.51 -22.15 9.22
N ARG B 53 29.39 -22.04 8.23
CA ARG B 53 30.41 -23.06 8.01
C ARG B 53 31.52 -22.99 9.06
N HIS B 54 31.90 -21.78 9.47
CA HIS B 54 32.92 -21.66 10.50
C HIS B 54 32.43 -22.23 11.83
N VAL B 55 31.12 -22.29 12.04
CA VAL B 55 30.58 -23.02 13.18
C VAL B 55 30.98 -24.49 13.10
N ILE B 56 30.84 -25.09 11.92
CA ILE B 56 31.26 -26.48 11.73
C ILE B 56 32.76 -26.62 11.94
N ASP B 57 33.53 -25.63 11.48
CA ASP B 57 34.97 -25.64 11.74
C ASP B 57 35.26 -25.70 13.23
N SER B 58 34.58 -24.85 14.01
CA SER B 58 34.77 -24.83 15.46
C SER B 58 34.34 -26.16 16.09
N ILE B 59 33.30 -26.79 15.55
CA ILE B 59 32.82 -28.04 16.11
C ILE B 59 33.84 -29.15 15.88
N VAL B 60 34.28 -29.30 14.64
CA VAL B 60 35.17 -30.42 14.30
C VAL B 60 36.58 -30.17 14.80
N GLY B 61 37.11 -28.98 14.54
CA GLY B 61 38.46 -28.64 14.93
C GLY B 61 39.43 -28.68 13.75
N ASP B 62 40.64 -28.22 14.02
CA ASP B 62 41.66 -28.16 12.98
C ASP B 62 42.36 -29.51 12.83
N GLY B 63 42.65 -29.87 11.57
CA GLY B 63 43.45 -31.03 11.28
C GLY B 63 42.71 -32.34 11.18
N ILE B 64 41.43 -32.38 11.54
CA ILE B 64 40.68 -33.63 11.52
C ILE B 64 40.38 -34.03 10.07
N GLU B 65 40.52 -35.31 9.77
CA GLU B 65 40.26 -35.81 8.43
C GLU B 65 38.80 -35.53 8.05
N PRO B 66 38.55 -35.08 6.82
CA PRO B 66 37.17 -34.73 6.44
C PRO B 66 36.18 -35.87 6.54
N SER B 67 36.61 -37.10 6.23
CA SER B 67 35.73 -38.26 6.31
C SER B 67 35.15 -38.50 7.69
N LYS B 68 35.70 -37.86 8.74
CA LYS B 68 35.17 -38.02 10.08
C LYS B 68 34.19 -36.92 10.47
N TRP B 69 34.16 -35.80 9.73
CA TRP B 69 33.35 -34.65 10.14
C TRP B 69 31.89 -35.04 10.37
N ALA B 70 31.28 -35.70 9.38
CA ALA B 70 29.88 -36.08 9.50
C ALA B 70 29.64 -36.98 10.71
N THR B 71 30.62 -37.80 11.08
CA THR B 71 30.46 -38.64 12.25
C THR B 71 30.60 -37.84 13.54
N ILE B 72 31.45 -36.82 13.53
CA ILE B 72 31.62 -35.99 14.73
C ILE B 72 30.38 -35.13 14.96
N ILE B 73 29.94 -34.41 13.93
CA ILE B 73 28.77 -33.54 14.03
C ILE B 73 27.58 -34.32 14.59
N GLY B 74 27.19 -35.38 13.89
CA GLY B 74 26.04 -36.19 14.28
C GLY B 74 26.17 -36.85 15.62
N GLN B 75 27.27 -36.61 16.33
CA GLN B 75 27.45 -37.14 17.67
C GLN B 75 27.56 -36.08 18.75
N CYS B 76 27.84 -34.82 18.38
CA CYS B 76 28.13 -33.79 19.37
C CYS B 76 27.23 -32.56 19.28
N VAL B 77 26.54 -32.36 18.18
CA VAL B 77 25.74 -31.16 17.96
C VAL B 77 24.32 -31.41 18.46
N ARG B 78 23.76 -30.41 19.16
CA ARG B 78 22.38 -30.48 19.64
C ARG B 78 21.72 -29.13 19.38
N VAL B 79 20.43 -29.15 19.03
CA VAL B 79 19.72 -27.94 18.62
C VAL B 79 18.41 -27.86 19.37
N THR B 80 18.19 -26.77 20.10
CA THR B 80 16.94 -26.56 20.81
C THR B 80 16.24 -25.32 20.27
N PHE B 81 14.94 -25.42 20.01
CA PHE B 81 14.21 -24.31 19.43
C PHE B 81 13.38 -23.53 20.44
N GLY B 82 13.30 -23.99 21.69
CA GLY B 82 12.49 -23.32 22.69
C GLY B 82 13.28 -22.61 23.76
N TYR B 83 14.41 -22.04 23.38
CA TYR B 83 15.29 -21.33 24.31
C TYR B 83 14.81 -19.88 24.40
N GLU B 84 13.76 -19.66 25.19
CA GLU B 84 13.23 -18.34 25.44
C GLU B 84 13.51 -17.81 26.84
N GLU B 85 13.81 -18.69 27.79
CA GLU B 85 14.24 -18.31 29.13
C GLU B 85 15.47 -19.13 29.49
N LEU B 86 16.14 -18.73 30.57
CA LEU B 86 17.42 -19.34 30.91
C LEU B 86 17.26 -20.81 31.26
N LYS B 87 16.14 -21.20 31.89
CA LYS B 87 15.94 -22.58 32.29
C LYS B 87 15.80 -23.52 31.09
N ASP B 88 15.44 -22.98 29.92
CA ASP B 88 15.25 -23.78 28.71
C ASP B 88 16.49 -23.79 27.82
N LYS B 89 17.67 -23.58 28.42
CA LYS B 89 18.88 -23.37 27.63
C LYS B 89 19.31 -24.64 26.90
N GLU B 90 19.25 -25.79 27.56
CA GLU B 90 19.71 -27.05 27.00
C GLU B 90 18.69 -28.16 27.24
N THR B 91 17.42 -27.87 26.97
CA THR B 91 16.35 -28.83 27.14
C THR B 91 15.56 -28.95 25.85
N ASN B 92 14.99 -30.15 25.64
CA ASN B 92 14.15 -30.44 24.47
C ASN B 92 14.91 -30.19 23.18
N TYR B 93 15.98 -30.97 22.98
CA TYR B 93 16.89 -30.76 21.87
C TYR B 93 16.78 -31.87 20.84
N PHE B 94 17.11 -31.52 19.60
CA PHE B 94 17.29 -32.44 18.49
C PHE B 94 18.75 -32.82 18.36
N PHE B 95 18.98 -34.05 17.93
CA PHE B 95 20.27 -34.46 17.39
C PHE B 95 20.30 -34.21 15.88
N VAL B 96 21.50 -34.27 15.32
CA VAL B 96 21.71 -34.09 13.89
C VAL B 96 22.14 -35.42 13.30
N GLU B 97 21.65 -35.70 12.08
CA GLU B 97 22.07 -36.90 11.38
C GLU B 97 23.55 -36.82 11.04
N PRO B 98 24.26 -37.96 11.02
CA PRO B 98 25.67 -37.95 10.61
C PRO B 98 25.82 -37.69 9.12
N TRP B 99 25.57 -36.44 8.69
CA TRP B 99 25.50 -36.09 7.29
C TRP B 99 25.99 -34.66 7.09
N PHE B 100 26.92 -34.46 6.15
CA PHE B 100 27.52 -33.15 5.91
C PHE B 100 28.03 -33.13 4.48
N GLU B 101 27.24 -32.55 3.57
CA GLU B 101 27.57 -32.60 2.15
C GLU B 101 27.39 -31.24 1.50
N ILE B 102 26.46 -30.43 2.02
CA ILE B 102 26.09 -29.16 1.40
C ILE B 102 26.67 -28.04 2.26
N HIS B 103 27.73 -27.41 1.77
CA HIS B 103 28.40 -26.34 2.50
C HIS B 103 29.31 -25.59 1.54
N ASN B 104 29.71 -24.39 1.96
CA ASN B 104 30.62 -23.54 1.19
C ASN B 104 31.40 -22.67 2.16
N GLU B 105 32.73 -22.63 1.99
CA GLU B 105 33.57 -21.79 2.83
C GLU B 105 33.45 -20.32 2.47
N GLU B 106 33.45 -20.00 1.17
CA GLU B 106 33.38 -18.61 0.73
C GLU B 106 32.08 -17.96 1.17
N LEU B 107 30.94 -18.59 0.89
CA LEU B 107 29.66 -18.05 1.31
C LEU B 107 29.38 -18.31 2.79
N ASP B 108 30.14 -19.21 3.41
CA ASP B 108 30.07 -19.47 4.85
C ASP B 108 28.68 -19.94 5.28
N TYR B 109 28.28 -21.09 4.74
CA TYR B 109 27.04 -21.73 5.15
C TYR B 109 27.27 -23.23 5.27
N ALA B 110 26.30 -23.91 5.89
CA ALA B 110 26.38 -25.33 6.15
C ALA B 110 24.97 -25.85 6.42
N VAL B 111 24.59 -26.91 5.70
CA VAL B 111 23.29 -27.55 5.83
C VAL B 111 23.46 -28.83 6.63
N LEU B 112 22.67 -28.97 7.68
CA LEU B 112 22.61 -30.18 8.50
C LEU B 112 21.19 -30.74 8.44
N LYS B 113 21.01 -31.95 8.94
CA LYS B 113 19.71 -32.60 8.93
C LYS B 113 19.30 -32.97 10.35
N LEU B 114 18.10 -32.54 10.74
CA LEU B 114 17.58 -32.88 12.06
C LEU B 114 17.21 -34.36 12.12
N LYS B 115 17.40 -34.94 13.30
CA LYS B 115 17.02 -36.33 13.56
C LYS B 115 15.70 -36.31 14.35
N GLU B 116 14.64 -36.81 13.72
CA GLU B 116 13.31 -36.78 14.33
C GLU B 116 13.29 -37.69 15.56
N ASN B 117 13.13 -37.09 16.74
CA ASN B 117 13.17 -37.82 18.00
C ASN B 117 11.90 -37.66 18.81
N GLY B 118 10.81 -37.25 18.18
CA GLY B 118 9.57 -37.00 18.88
C GLY B 118 9.35 -35.55 19.27
N GLN B 119 10.26 -34.66 18.93
CA GLN B 119 10.11 -33.23 19.19
C GLN B 119 9.53 -32.54 17.97
N GLN B 120 8.81 -31.45 18.21
CA GLN B 120 8.10 -30.75 17.14
C GLN B 120 9.11 -30.03 16.24
N VAL B 121 9.26 -30.51 15.01
CA VAL B 121 10.13 -29.87 14.03
C VAL B 121 9.49 -28.58 13.55
N PRO B 122 10.13 -27.44 13.73
CA PRO B 122 9.52 -26.16 13.32
C PRO B 122 9.36 -26.05 11.82
N MET B 123 8.55 -25.08 11.42
CA MET B 123 8.28 -24.83 10.00
C MET B 123 9.51 -24.23 9.33
N GLU B 124 9.76 -24.66 8.09
CA GLU B 124 10.85 -24.12 7.30
C GLU B 124 10.66 -22.63 7.07
N LEU B 125 11.77 -21.89 7.01
CA LEU B 125 11.75 -20.46 6.77
C LEU B 125 11.95 -20.09 5.30
N TYR B 126 12.21 -21.06 4.44
CA TYR B 126 12.40 -20.81 3.01
C TYR B 126 11.06 -20.95 2.29
N ASN B 127 10.47 -19.83 1.92
CA ASN B 127 9.24 -19.81 1.15
C ASN B 127 9.46 -19.49 -0.32
N GLY B 128 10.71 -19.35 -0.73
CA GLY B 128 11.05 -18.93 -2.08
C GLY B 128 12.22 -17.96 -2.06
N ILE B 129 12.62 -17.46 -3.22
CA ILE B 129 13.75 -16.54 -3.31
C ILE B 129 13.24 -15.12 -3.07
N THR B 130 13.97 -14.36 -2.27
CA THR B 130 13.60 -13.00 -1.92
C THR B 130 14.75 -12.06 -2.23
N PRO B 131 14.51 -10.97 -2.97
CA PRO B 131 15.60 -10.02 -3.25
C PRO B 131 16.10 -9.37 -1.98
N VAL B 132 17.40 -9.12 -1.94
CA VAL B 132 18.03 -8.54 -0.75
C VAL B 132 17.72 -7.04 -0.72
N PRO B 133 17.27 -6.51 0.42
CA PRO B 133 17.06 -5.06 0.51
C PRO B 133 18.39 -4.32 0.40
N LEU B 134 18.40 -3.30 -0.47
CA LEU B 134 19.58 -2.46 -0.62
C LEU B 134 19.69 -1.41 0.47
N SER B 135 18.64 -1.22 1.27
CA SER B 135 18.63 -0.23 2.33
C SER B 135 17.44 -0.54 3.23
N GLY B 136 17.23 0.31 4.22
CA GLY B 136 16.07 0.19 5.08
C GLY B 136 16.30 -0.63 6.33
N LEU B 137 15.24 -1.30 6.79
CA LEU B 137 15.25 -2.00 8.07
C LEU B 137 15.30 -3.50 7.83
N ILE B 138 16.02 -4.21 8.71
CA ILE B 138 16.00 -5.67 8.73
C ILE B 138 15.82 -6.13 10.18
N HIS B 139 15.54 -7.42 10.34
CA HIS B 139 15.37 -8.01 11.65
C HIS B 139 16.26 -9.24 11.76
N ILE B 140 16.95 -9.37 12.89
CA ILE B 140 17.80 -10.52 13.16
C ILE B 140 17.22 -11.26 14.34
N ILE B 141 17.04 -12.58 14.20
CA ILE B 141 16.51 -13.39 15.30
C ILE B 141 17.55 -14.45 15.66
N GLY B 142 18.00 -14.46 16.90
CA GLY B 142 19.00 -15.43 17.26
C GLY B 142 19.31 -15.41 18.75
N HIS B 143 20.43 -16.06 19.10
CA HIS B 143 20.90 -16.18 20.47
C HIS B 143 22.26 -15.49 20.59
N PRO B 144 22.28 -14.17 20.77
CA PRO B 144 23.56 -13.49 20.99
C PRO B 144 24.13 -13.81 22.35
N TYR B 145 25.46 -13.98 22.40
CA TYR B 145 26.19 -14.33 23.61
C TYR B 145 25.69 -15.63 24.23
N GLY B 146 25.01 -16.47 23.46
CA GLY B 146 24.42 -17.67 24.02
C GLY B 146 23.28 -17.42 24.97
N GLU B 147 22.69 -16.23 24.93
CA GLU B 147 21.59 -15.89 25.82
C GLU B 147 20.27 -16.38 25.22
N LYS B 148 19.17 -16.07 25.91
CA LYS B 148 17.85 -16.41 25.43
C LYS B 148 17.59 -15.79 24.06
N LYS B 149 16.59 -16.33 23.37
CA LYS B 149 16.31 -15.90 22.00
C LYS B 149 15.86 -14.44 21.98
N GLN B 150 16.48 -13.65 21.12
CA GLN B 150 16.20 -12.23 21.01
C GLN B 150 16.05 -11.85 19.54
N ILE B 151 15.44 -10.68 19.32
CA ILE B 151 15.24 -10.11 18.00
C ILE B 151 15.76 -8.68 18.03
N ASP B 152 16.44 -8.27 16.96
CA ASP B 152 16.98 -6.92 16.84
C ASP B 152 16.54 -6.31 15.52
N ALA B 153 16.08 -5.06 15.59
CA ALA B 153 15.74 -4.28 14.41
C ALA B 153 16.95 -3.43 14.04
N CYS B 154 17.53 -3.69 12.87
CA CYS B 154 18.81 -3.14 12.49
C CYS B 154 18.70 -2.31 11.21
N ALA B 155 19.57 -1.31 11.12
CA ALA B 155 19.70 -0.48 9.93
C ALA B 155 20.69 -1.12 8.97
N VAL B 156 20.29 -1.19 7.70
CA VAL B 156 21.13 -1.74 6.64
C VAL B 156 22.08 -0.67 6.14
N ILE B 157 23.35 -1.02 6.01
CA ILE B 157 24.35 -0.15 5.40
C ILE B 157 24.44 -0.53 3.91
N PRO B 158 24.01 0.32 2.99
CA PRO B 158 24.09 -0.02 1.57
C PRO B 158 25.53 -0.31 1.17
N GLN B 159 25.68 -1.15 0.15
CA GLN B 159 27.00 -1.55 -0.31
C GLN B 159 27.91 -0.36 -0.55
N GLY B 160 27.41 0.64 -1.28
CA GLY B 160 28.20 1.82 -1.58
C GLY B 160 28.65 2.61 -0.36
N GLN B 161 28.02 2.36 0.79
CA GLN B 161 28.41 3.04 2.03
C GLN B 161 29.41 2.24 2.85
N ARG B 162 29.67 0.98 2.51
CA ARG B 162 30.45 0.11 3.37
C ARG B 162 31.84 0.68 3.64
N ALA B 163 32.54 1.08 2.58
CA ALA B 163 33.87 1.66 2.76
C ALA B 163 33.79 2.97 3.54
N LYS B 164 32.70 3.74 3.35
CA LYS B 164 32.57 5.01 4.04
C LYS B 164 32.31 4.81 5.53
N LYS B 165 31.16 4.18 5.85
CA LYS B 165 30.75 4.01 7.24
C LYS B 165 31.88 3.47 8.10
N CYS B 166 32.49 2.35 7.69
CA CYS B 166 33.59 1.76 8.43
C CYS B 166 34.64 2.80 8.81
N GLN B 167 35.13 3.55 7.83
CA GLN B 167 36.18 4.52 8.11
C GLN B 167 35.69 5.57 9.10
N GLU B 168 34.42 6.00 8.97
CA GLU B 168 33.85 6.94 9.93
C GLU B 168 34.00 6.45 11.36
N ARG B 169 33.84 5.14 11.57
CA ARG B 169 34.05 4.59 12.91
C ARG B 169 35.53 4.61 13.28
N VAL B 170 36.39 4.17 12.36
CA VAL B 170 37.80 3.99 12.67
C VAL B 170 38.41 5.31 13.13
N GLN B 171 38.34 6.34 12.30
CA GLN B 171 38.85 7.65 12.68
C GLN B 171 38.09 8.25 13.84
N SER B 172 36.87 7.79 14.13
CA SER B 172 36.17 8.27 15.30
C SER B 172 36.85 7.81 16.58
N LYS B 173 37.60 6.69 16.51
CA LYS B 173 38.31 6.17 17.66
C LYS B 173 39.81 6.28 17.53
N LYS B 174 40.32 6.67 16.36
CA LYS B 174 41.71 7.12 16.26
C LYS B 174 41.90 8.44 16.98
N ALA B 175 40.88 9.31 16.96
CA ALA B 175 40.87 10.52 17.76
C ALA B 175 40.41 10.28 19.19
N GLU B 176 39.66 9.20 19.43
CA GLU B 176 39.18 8.88 20.76
C GLU B 176 40.19 8.03 21.51
N TYR B 180 44.47 0.93 21.60
CA TYR B 180 43.28 0.35 20.97
C TYR B 180 43.67 -0.29 19.63
N VAL B 181 43.12 -1.48 19.36
CA VAL B 181 43.52 -2.26 18.20
C VAL B 181 42.29 -2.81 17.49
N HIS B 182 42.43 -3.02 16.19
CA HIS B 182 41.44 -3.73 15.40
C HIS B 182 41.84 -5.20 15.32
N MET B 183 40.88 -6.08 15.58
CA MET B 183 41.15 -7.52 15.73
C MET B 183 40.75 -8.30 14.48
N TYR B 184 41.03 -7.75 13.31
CA TYR B 184 40.75 -8.41 12.04
C TYR B 184 41.86 -8.03 11.06
N THR B 185 41.81 -8.64 9.88
CA THR B 185 42.77 -8.36 8.82
C THR B 185 42.08 -7.58 7.69
N GLN B 186 42.87 -6.77 6.99
CA GLN B 186 42.32 -6.02 5.86
C GLN B 186 41.83 -6.95 4.76
N ARG B 187 42.44 -8.13 4.62
CA ARG B 187 42.00 -9.08 3.60
C ARG B 187 40.59 -9.58 3.89
N SER B 188 40.19 -9.61 5.16
CA SER B 188 38.86 -10.08 5.51
C SER B 188 37.79 -9.02 5.29
N PHE B 189 38.15 -7.74 5.42
CA PHE B 189 37.18 -6.67 5.19
C PHE B 189 37.08 -6.33 3.71
N GLN B 190 38.19 -6.43 2.97
CA GLN B 190 38.16 -6.22 1.53
C GLN B 190 37.20 -7.20 0.85
N LYS B 191 37.05 -8.41 1.40
CA LYS B 191 36.17 -9.40 0.82
C LYS B 191 34.69 -9.05 0.92
N ILE B 192 34.33 -8.07 1.75
CA ILE B 192 32.93 -7.65 1.86
C ILE B 192 32.71 -6.21 1.43
N VAL B 193 33.77 -5.41 1.28
CA VAL B 193 33.58 -4.01 0.85
C VAL B 193 32.81 -3.94 -0.46
N HIS B 194 33.21 -4.76 -1.44
CA HIS B 194 32.60 -4.76 -2.77
C HIS B 194 31.88 -6.07 -3.06
N ASN B 195 31.31 -6.71 -2.04
CA ASN B 195 30.72 -8.03 -2.22
C ASN B 195 29.21 -7.91 -2.32
N PRO B 196 28.60 -8.20 -3.47
CA PRO B 196 27.13 -8.23 -3.55
C PRO B 196 26.52 -9.46 -2.92
N ASP B 197 27.31 -10.49 -2.63
CA ASP B 197 26.80 -11.72 -2.03
C ASP B 197 26.55 -11.60 -0.53
N VAL B 198 26.84 -10.45 0.08
CA VAL B 198 26.57 -10.23 1.50
C VAL B 198 25.78 -8.95 1.66
N ILE B 199 25.18 -8.81 2.84
CA ILE B 199 24.47 -7.60 3.23
C ILE B 199 25.03 -7.14 4.56
N THR B 200 25.31 -5.85 4.68
CA THR B 200 25.93 -5.26 5.86
C THR B 200 24.91 -4.44 6.63
N TYR B 201 25.10 -4.40 7.95
CA TYR B 201 24.14 -3.75 8.83
C TYR B 201 24.81 -3.46 10.18
N ASP B 202 24.09 -2.68 10.99
CA ASP B 202 24.53 -2.35 12.35
C ASP B 202 23.62 -3.07 13.33
N THR B 203 24.17 -4.06 14.04
CA THR B 203 23.39 -4.86 14.98
C THR B 203 24.12 -4.96 16.31
N GLU B 204 23.34 -5.28 17.35
CA GLU B 204 23.87 -5.61 18.66
C GLU B 204 24.23 -7.08 18.80
N PHE B 205 23.82 -7.91 17.83
CA PHE B 205 24.10 -9.34 17.86
C PHE B 205 25.43 -9.63 17.15
N PHE B 206 26.49 -8.97 17.61
CA PHE B 206 27.79 -9.10 16.98
C PHE B 206 28.69 -10.10 17.70
N PHE B 207 28.11 -11.01 18.48
CA PHE B 207 28.90 -12.00 19.20
C PHE B 207 28.04 -13.22 19.49
N GLY B 208 28.48 -14.38 19.01
CA GLY B 208 27.78 -15.62 19.25
C GLY B 208 26.48 -15.79 18.50
N ALA B 209 26.15 -14.86 17.60
CA ALA B 209 24.91 -14.90 16.85
C ALA B 209 25.10 -15.49 15.45
N ALA B 210 26.23 -16.13 15.19
CA ALA B 210 26.49 -16.69 13.88
C ALA B 210 25.42 -17.71 13.51
N GLY B 211 24.87 -17.57 12.32
CA GLY B 211 23.77 -18.41 11.88
C GLY B 211 22.40 -17.92 12.25
N SER B 212 22.26 -16.66 12.63
CA SER B 212 20.94 -16.12 12.94
C SER B 212 20.25 -15.66 11.66
N PRO B 213 18.97 -15.98 11.48
CA PRO B 213 18.28 -15.49 10.28
C PRO B 213 18.02 -14.00 10.31
N VAL B 214 18.10 -13.41 9.11
CA VAL B 214 17.88 -11.99 8.86
C VAL B 214 16.74 -11.85 7.87
N PHE B 215 15.67 -11.20 8.31
CA PHE B 215 14.46 -10.97 7.53
C PHE B 215 14.38 -9.51 7.12
N ASP B 216 13.68 -9.26 6.01
CA ASP B 216 13.49 -7.89 5.52
C ASP B 216 12.37 -7.21 6.30
N SER B 217 11.98 -6.01 5.86
CA SER B 217 10.98 -5.23 6.57
C SER B 217 9.59 -5.85 6.51
N LYS B 218 9.38 -6.86 5.67
CA LYS B 218 8.10 -7.55 5.56
C LYS B 218 8.10 -8.94 6.19
N GLY B 219 9.23 -9.38 6.75
CA GLY B 219 9.31 -10.67 7.38
C GLY B 219 9.77 -11.80 6.49
N SER B 220 10.28 -11.50 5.30
CA SER B 220 10.77 -12.53 4.39
C SER B 220 12.22 -12.83 4.68
N LEU B 221 12.57 -14.13 4.71
CA LEU B 221 13.95 -14.53 4.90
C LEU B 221 14.82 -14.03 3.75
N VAL B 222 15.82 -13.20 4.06
CA VAL B 222 16.71 -12.65 3.05
C VAL B 222 18.18 -12.98 3.31
N ALA B 223 18.60 -13.24 4.55
CA ALA B 223 20.03 -13.47 4.77
C ALA B 223 20.25 -14.30 6.02
N MET B 224 21.52 -14.68 6.23
CA MET B 224 21.95 -15.37 7.43
C MET B 224 23.17 -14.66 7.99
N HIS B 225 23.07 -14.21 9.25
CA HIS B 225 24.15 -13.46 9.88
C HIS B 225 25.41 -14.31 9.99
N ALA B 226 26.54 -13.74 9.59
CA ALA B 226 27.81 -14.47 9.56
C ALA B 226 28.73 -14.05 10.70
N ALA B 227 29.34 -12.87 10.62
CA ALA B 227 30.26 -12.42 11.66
C ALA B 227 30.34 -10.89 11.62
N GLY B 228 31.34 -10.35 12.30
CA GLY B 228 31.58 -8.92 12.28
C GLY B 228 33.05 -8.60 12.30
N PHE B 229 33.41 -7.34 12.51
CA PHE B 229 34.81 -6.93 12.58
C PHE B 229 35.04 -6.32 13.95
N ALA B 230 35.45 -7.16 14.89
CA ALA B 230 35.57 -6.77 16.28
C ALA B 230 36.80 -5.90 16.51
N TYR B 231 36.74 -5.11 17.58
CA TYR B 231 37.87 -4.32 18.03
C TYR B 231 37.67 -4.03 19.51
N THR B 232 38.76 -4.04 20.27
CA THR B 232 38.72 -3.74 21.69
C THR B 232 39.28 -2.33 21.92
N TYR B 233 38.56 -1.55 22.71
CA TYR B 233 38.97 -0.19 23.04
C TYR B 233 38.66 0.07 24.50
N GLN B 234 39.70 0.28 25.31
CA GLN B 234 39.57 0.50 26.75
C GLN B 234 38.83 -0.66 27.41
N ASN B 235 39.32 -1.88 27.14
CA ASN B 235 38.85 -3.10 27.77
C ASN B 235 37.38 -3.38 27.50
N GLU B 236 36.90 -3.00 26.31
CA GLU B 236 35.53 -3.28 25.91
C GLU B 236 35.52 -3.71 24.45
N THR B 237 34.77 -4.75 24.15
CA THR B 237 34.73 -5.34 22.81
C THR B 237 33.54 -4.79 22.04
N ARG B 238 33.81 -4.12 20.92
CA ARG B 238 32.80 -3.55 20.05
C ARG B 238 33.02 -4.09 18.64
N SER B 239 32.12 -3.72 17.72
CA SER B 239 32.21 -4.15 16.34
C SER B 239 31.90 -2.99 15.40
N ILE B 240 32.71 -2.85 14.36
CA ILE B 240 32.56 -1.72 13.45
C ILE B 240 31.33 -1.89 12.57
N ILE B 241 31.18 -3.07 11.96
CA ILE B 241 30.09 -3.33 11.03
C ILE B 241 29.86 -4.83 11.02
N GLU B 242 28.61 -5.23 10.81
CA GLU B 242 28.28 -6.66 10.79
C GLU B 242 27.70 -7.02 9.43
N PHE B 243 27.72 -8.31 9.10
CA PHE B 243 27.27 -8.72 7.79
C PHE B 243 26.72 -10.15 7.80
N GLY B 244 26.05 -10.48 6.71
CA GLY B 244 25.47 -11.81 6.54
C GLY B 244 25.43 -12.19 5.09
N SER B 245 25.40 -13.50 4.85
CA SER B 245 25.31 -14.02 3.49
C SER B 245 23.87 -14.02 3.01
N THR B 246 23.66 -13.55 1.78
CA THR B 246 22.31 -13.49 1.23
C THR B 246 21.81 -14.90 0.89
N MET B 247 20.53 -15.14 1.15
CA MET B 247 19.93 -16.42 0.76
C MET B 247 19.99 -16.62 -0.75
N GLU B 248 20.02 -15.53 -1.52
CA GLU B 248 20.11 -15.64 -2.97
C GLU B 248 21.43 -16.30 -3.38
N SER B 249 22.54 -15.85 -2.80
CA SER B 249 23.84 -16.45 -3.12
C SER B 249 23.92 -17.91 -2.68
N ILE B 250 23.40 -18.21 -1.49
CA ILE B 250 23.42 -19.58 -0.99
C ILE B 250 22.62 -20.50 -1.90
N LEU B 251 21.40 -20.07 -2.27
CA LEU B 251 20.54 -20.90 -3.10
C LEU B 251 21.09 -21.04 -4.50
N LEU B 252 21.69 -19.98 -5.05
CA LEU B 252 22.32 -20.11 -6.36
C LEU B 252 23.50 -21.07 -6.32
N ASP B 253 24.29 -21.03 -5.24
CA ASP B 253 25.39 -21.96 -5.09
C ASP B 253 24.89 -23.40 -5.01
N ILE B 254 23.80 -23.61 -4.28
CA ILE B 254 23.23 -24.95 -4.16
C ILE B 254 22.66 -25.42 -5.49
N LYS B 255 22.06 -24.52 -6.26
CA LYS B 255 21.52 -24.87 -7.56
C LYS B 255 22.64 -25.22 -8.54
N GLN B 256 23.76 -24.51 -8.47
CA GLN B 256 24.85 -24.73 -9.42
C GLN B 256 25.64 -25.98 -9.08
N ARG B 257 26.06 -26.13 -7.82
CA ARG B 257 26.97 -27.21 -7.44
C ARG B 257 26.24 -28.47 -7.02
N HIS B 258 25.06 -28.37 -6.43
CA HIS B 258 24.30 -29.53 -5.94
C HIS B 258 22.90 -29.51 -6.55
N LYS B 259 22.84 -29.46 -7.88
CA LYS B 259 21.55 -29.42 -8.58
C LYS B 259 20.70 -30.67 -8.36
N PRO B 260 21.23 -31.90 -8.44
CA PRO B 260 20.37 -33.06 -8.17
C PRO B 260 19.78 -33.05 -6.76
N TRP B 261 20.58 -32.69 -5.75
CA TRP B 261 20.06 -32.61 -4.39
C TRP B 261 19.02 -31.50 -4.27
N TYR B 262 19.28 -30.36 -4.91
CA TYR B 262 18.30 -29.27 -4.90
C TYR B 262 16.97 -29.74 -5.48
N GLU B 263 17.01 -30.43 -6.62
CA GLU B 263 15.78 -30.94 -7.21
C GLU B 263 15.10 -31.95 -6.31
N GLU B 264 15.89 -32.86 -5.70
CA GLU B 264 15.32 -33.89 -4.85
C GLU B 264 14.66 -33.30 -3.59
N VAL B 265 15.14 -32.15 -3.13
CA VAL B 265 14.65 -31.56 -1.88
C VAL B 265 13.68 -30.42 -2.13
N PHE B 266 14.05 -29.48 -3.00
CA PHE B 266 13.26 -28.27 -3.16
C PHE B 266 12.24 -28.37 -4.29
N VAL B 267 12.57 -29.07 -5.36
CA VAL B 267 11.69 -29.13 -6.53
C VAL B 267 10.65 -30.22 -6.34
N ASN B 268 11.06 -31.48 -6.51
CA ASN B 268 10.10 -32.57 -6.36
C ASN B 268 9.87 -32.98 -4.92
N GLN B 269 10.70 -32.52 -4.00
CA GLN B 269 10.51 -32.72 -2.55
C GLN B 269 10.31 -34.20 -2.18
N LYS C 8 19.40 0.04 24.95
CA LYS C 8 19.53 -0.94 23.88
C LYS C 8 18.22 -1.06 23.10
N ASN C 9 18.34 -1.39 21.81
CA ASN C 9 17.18 -1.46 20.93
C ASN C 9 16.62 -2.87 20.77
N SER C 10 17.41 -3.90 21.05
CA SER C 10 16.93 -5.26 20.90
C SER C 10 16.02 -5.63 22.08
N SER C 11 15.25 -6.70 21.88
CA SER C 11 14.34 -7.20 22.91
C SER C 11 14.30 -8.72 22.85
N SER C 12 13.91 -9.32 23.97
CA SER C 12 13.75 -10.77 24.03
C SER C 12 12.43 -11.18 23.39
N ILE C 13 12.42 -12.41 22.86
CA ILE C 13 11.23 -12.91 22.16
C ILE C 13 10.03 -12.93 23.10
N LYS C 14 10.25 -13.22 24.38
CA LYS C 14 9.15 -13.24 25.35
C LYS C 14 8.48 -11.87 25.44
N VAL C 15 9.29 -10.81 25.56
CA VAL C 15 8.74 -9.46 25.67
C VAL C 15 8.02 -9.05 24.40
N VAL C 16 8.57 -9.43 23.23
CA VAL C 16 7.93 -9.04 21.98
C VAL C 16 6.62 -9.78 21.78
N LYS C 17 6.56 -11.05 22.20
CA LYS C 17 5.29 -11.78 22.19
C LYS C 17 4.27 -11.11 23.11
N LEU C 18 4.71 -10.69 24.29
CA LEU C 18 3.83 -9.93 25.18
C LEU C 18 3.33 -8.66 24.50
N LEU C 19 4.21 -7.98 23.77
CA LEU C 19 3.85 -6.71 23.14
C LEU C 19 2.83 -6.91 22.03
N VAL C 20 3.01 -7.93 21.19
CA VAL C 20 2.03 -8.18 20.15
C VAL C 20 0.74 -8.75 20.72
N ARG C 21 0.78 -9.34 21.91
CA ARG C 21 -0.46 -9.70 22.59
C ARG C 21 -1.19 -8.45 23.10
N LEU C 22 -0.43 -7.50 23.65
CA LEU C 22 -1.03 -6.28 24.16
C LEU C 22 -1.58 -5.40 23.03
N SER C 23 -0.96 -5.45 21.85
CA SER C 23 -1.41 -4.63 20.74
C SER C 23 -2.85 -4.95 20.33
N ASP C 24 -3.36 -6.12 20.70
CA ASP C 24 -4.74 -6.48 20.38
C ASP C 24 -5.75 -5.61 21.12
N SER C 25 -5.32 -4.90 22.16
CA SER C 25 -6.17 -3.98 22.90
C SER C 25 -6.02 -2.53 22.43
N VAL C 26 -5.15 -2.26 21.48
CA VAL C 26 -4.95 -0.93 20.93
C VAL C 26 -5.89 -0.75 19.74
N GLY C 27 -6.61 0.36 19.71
CA GLY C 27 -7.68 0.56 18.76
C GLY C 27 -7.52 1.80 17.91
N TYR C 28 -8.04 1.73 16.70
CA TYR C 28 -8.12 2.83 15.76
C TYR C 28 -9.52 3.43 15.85
N LEU C 29 -9.60 4.69 16.27
CA LEU C 29 -10.87 5.39 16.51
C LEU C 29 -11.08 6.39 15.38
N PHE C 30 -12.14 6.21 14.61
CA PHE C 30 -12.37 7.03 13.43
C PHE C 30 -13.81 7.54 13.38
N TRP C 31 -13.98 8.69 12.75
CA TRP C 31 -15.31 9.28 12.61
C TRP C 31 -15.39 10.05 11.30
N ASP C 32 -16.60 10.11 10.73
CA ASP C 32 -16.87 10.74 9.44
C ASP C 32 -18.29 11.33 9.49
N SER C 33 -18.41 12.49 10.13
CA SER C 33 -19.68 13.19 10.23
C SER C 33 -19.57 14.58 9.64
N ALA C 34 -19.92 15.60 10.43
CA ALA C 34 -19.63 16.98 10.03
C ALA C 34 -18.13 17.22 9.98
N THR C 35 -17.37 16.51 10.81
CA THR C 35 -15.92 16.50 10.76
C THR C 35 -15.44 15.07 10.52
N THR C 36 -14.31 14.95 9.86
CA THR C 36 -13.71 13.66 9.52
C THR C 36 -12.36 13.55 10.20
N GLY C 37 -12.10 12.42 10.85
CA GLY C 37 -10.81 12.28 11.52
C GLY C 37 -10.60 10.90 12.09
N TYR C 38 -9.41 10.74 12.70
CA TYR C 38 -8.98 9.50 13.29
C TYR C 38 -8.08 9.79 14.50
N ALA C 39 -7.85 8.76 15.29
CA ALA C 39 -6.95 8.82 16.44
C ALA C 39 -6.72 7.39 16.93
N THR C 40 -5.88 7.26 17.95
CA THR C 40 -5.60 5.98 18.58
C THR C 40 -6.16 5.99 19.99
N CYS C 41 -6.60 4.82 20.44
CA CYS C 41 -7.13 4.65 21.78
C CYS C 41 -6.68 3.29 22.31
N PHE C 42 -6.98 3.03 23.58
CA PHE C 42 -6.72 1.69 24.08
C PHE C 42 -7.69 1.35 25.19
N VAL C 43 -7.94 0.05 25.36
CA VAL C 43 -8.86 -0.45 26.37
C VAL C 43 -8.32 -0.12 27.76
N PHE C 44 -8.88 0.90 28.39
CA PHE C 44 -8.49 1.35 29.71
C PHE C 44 -8.89 0.31 30.76
N LYS C 45 -10.19 0.17 30.99
CA LYS C 45 -10.71 -0.74 32.01
C LYS C 45 -12.07 -1.22 31.56
N GLY C 46 -12.23 -2.53 31.42
CA GLY C 46 -13.53 -3.08 31.01
C GLY C 46 -13.89 -2.61 29.61
N LEU C 47 -15.08 -2.02 29.50
CA LEU C 47 -15.53 -1.47 28.22
C LEU C 47 -15.05 -0.05 27.98
N PHE C 48 -14.40 0.57 28.97
CA PHE C 48 -13.94 1.94 28.82
C PHE C 48 -12.65 1.98 28.01
N ILE C 49 -12.59 2.88 27.03
CA ILE C 49 -11.38 3.14 26.28
C ILE C 49 -10.86 4.52 26.65
N LEU C 50 -9.55 4.68 26.53
CA LEU C 50 -8.87 5.93 26.84
C LEU C 50 -8.22 6.46 25.57
N THR C 51 -8.37 7.78 25.37
CA THR C 51 -7.73 8.49 24.27
C THR C 51 -7.37 9.89 24.76
N CYS C 52 -7.04 10.78 23.83
CA CYS C 52 -6.68 12.14 24.18
C CYS C 52 -7.90 13.06 24.14
N ARG C 53 -7.84 14.12 24.95
CA ARG C 53 -8.96 15.03 25.08
C ARG C 53 -9.20 15.85 23.81
N HIS C 54 -8.13 16.34 23.19
CA HIS C 54 -8.28 17.16 21.99
C HIS C 54 -8.85 16.37 20.82
N VAL C 55 -8.74 15.04 20.85
CA VAL C 55 -9.43 14.22 19.87
C VAL C 55 -10.93 14.49 19.91
N ILE C 56 -11.48 14.69 21.11
CA ILE C 56 -12.90 14.99 21.24
C ILE C 56 -13.21 16.35 20.64
N ASP C 57 -12.32 17.33 20.82
CA ASP C 57 -12.49 18.62 20.17
C ASP C 57 -12.57 18.46 18.65
N SER C 58 -11.68 17.64 18.08
CA SER C 58 -11.72 17.39 16.64
C SER C 58 -13.00 16.67 16.24
N ILE C 59 -13.52 15.80 17.11
CA ILE C 59 -14.74 15.05 16.78
C ILE C 59 -15.95 15.98 16.74
N VAL C 60 -16.09 16.81 17.78
CA VAL C 60 -17.32 17.58 17.94
C VAL C 60 -17.30 18.82 17.05
N GLY C 61 -16.25 19.62 17.15
CA GLY C 61 -16.12 20.84 16.38
C GLY C 61 -16.28 22.08 17.26
N ASP C 62 -15.96 23.22 16.66
CA ASP C 62 -16.01 24.49 17.37
C ASP C 62 -17.45 24.99 17.48
N GLY C 63 -17.74 25.68 18.59
CA GLY C 63 -19.01 26.35 18.79
C GLY C 63 -20.17 25.47 19.17
N ILE C 64 -19.95 24.17 19.37
CA ILE C 64 -21.01 23.25 19.77
C ILE C 64 -21.14 23.27 21.28
N GLU C 65 -22.36 23.36 21.77
CA GLU C 65 -22.59 23.36 23.21
C GLU C 65 -22.20 21.99 23.79
N PRO C 66 -21.60 21.95 24.98
CA PRO C 66 -21.15 20.67 25.53
C PRO C 66 -22.27 19.66 25.74
N SER C 67 -23.50 20.12 26.03
CA SER C 67 -24.61 19.20 26.28
C SER C 67 -24.91 18.30 25.09
N LYS C 68 -24.36 18.60 23.91
CA LYS C 68 -24.57 17.76 22.73
C LYS C 68 -23.40 16.82 22.45
N TRP C 69 -22.23 17.08 23.06
CA TRP C 69 -21.01 16.35 22.71
C TRP C 69 -21.22 14.84 22.78
N ALA C 70 -21.70 14.35 23.92
CA ALA C 70 -21.95 12.92 24.08
C ALA C 70 -22.79 12.38 22.94
N THR C 71 -23.91 13.05 22.65
CA THR C 71 -24.81 12.58 21.59
C THR C 71 -24.07 12.46 20.26
N ILE C 72 -23.16 13.40 19.98
CA ILE C 72 -22.40 13.34 18.73
C ILE C 72 -21.42 12.19 18.78
N ILE C 73 -20.76 11.99 19.92
CA ILE C 73 -19.73 10.95 20.04
C ILE C 73 -20.34 9.58 19.74
N GLY C 74 -21.47 9.27 20.38
CA GLY C 74 -22.13 8.01 20.14
C GLY C 74 -22.80 7.89 18.80
N GLN C 75 -22.69 8.91 17.95
CA GLN C 75 -23.38 8.95 16.67
C GLN C 75 -22.48 8.70 15.48
N CYS C 76 -21.19 9.02 15.59
CA CYS C 76 -20.26 8.87 14.47
C CYS C 76 -18.95 8.20 14.81
N VAL C 77 -18.55 8.12 16.07
CA VAL C 77 -17.27 7.54 16.45
C VAL C 77 -17.38 6.02 16.38
N ARG C 78 -16.39 5.40 15.74
CA ARG C 78 -16.27 3.95 15.67
C ARG C 78 -14.86 3.57 16.09
N VAL C 79 -14.70 2.37 16.64
CA VAL C 79 -13.39 1.93 17.12
C VAL C 79 -13.14 0.49 16.66
N THR C 80 -12.04 0.26 15.94
CA THR C 80 -11.68 -1.09 15.53
C THR C 80 -10.34 -1.50 16.11
N PHE C 81 -10.24 -2.75 16.55
CA PHE C 81 -9.01 -3.25 17.17
C PHE C 81 -8.22 -4.19 16.27
N GLY C 82 -8.67 -4.42 15.04
CA GLY C 82 -8.00 -5.36 14.16
C GLY C 82 -7.46 -4.73 12.89
N TYR C 83 -7.05 -3.46 13.00
CA TYR C 83 -6.54 -2.70 11.85
C TYR C 83 -5.05 -2.97 11.72
N GLU C 84 -4.74 -4.13 11.13
CA GLU C 84 -3.35 -4.53 10.91
C GLU C 84 -2.92 -4.48 9.45
N GLU C 85 -3.85 -4.50 8.51
CA GLU C 85 -3.57 -4.22 7.12
C GLU C 85 -4.65 -3.29 6.58
N LEU C 86 -4.52 -2.92 5.30
CA LEU C 86 -5.35 -1.85 4.76
C LEU C 86 -6.81 -2.26 4.64
N LYS C 87 -7.06 -3.51 4.23
CA LYS C 87 -8.44 -3.97 4.05
C LYS C 87 -9.23 -4.00 5.35
N ASP C 88 -8.56 -3.98 6.50
CA ASP C 88 -9.20 -4.05 7.81
C ASP C 88 -9.31 -2.68 8.46
N LYS C 89 -9.27 -1.60 7.68
CA LYS C 89 -9.21 -0.26 8.27
C LYS C 89 -10.51 0.09 8.99
N GLU C 90 -11.64 -0.18 8.35
CA GLU C 90 -12.95 0.20 8.89
C GLU C 90 -13.87 -1.00 8.98
N THR C 91 -13.33 -2.14 9.42
CA THR C 91 -14.11 -3.36 9.59
C THR C 91 -14.00 -3.83 11.04
N ASN C 92 -15.00 -4.61 11.44
CA ASN C 92 -15.08 -5.17 12.80
C ASN C 92 -14.93 -4.07 13.85
N TYR C 93 -15.83 -3.09 13.78
CA TYR C 93 -15.77 -1.93 14.64
C TYR C 93 -16.86 -1.97 15.70
N PHE C 94 -16.57 -1.32 16.83
CA PHE C 94 -17.50 -1.09 17.92
C PHE C 94 -18.03 0.32 17.85
N PHE C 95 -19.28 0.48 18.29
CA PHE C 95 -19.87 1.79 18.52
C PHE C 95 -19.51 2.28 19.92
N VAL C 96 -19.73 3.57 20.14
CA VAL C 96 -19.43 4.22 21.42
C VAL C 96 -20.73 4.67 22.06
N GLU C 97 -20.80 4.53 23.38
CA GLU C 97 -21.98 4.99 24.11
C GLU C 97 -22.07 6.52 24.04
N PRO C 98 -23.28 7.06 23.98
CA PRO C 98 -23.43 8.53 24.05
C PRO C 98 -23.15 9.05 25.45
N TRP C 99 -21.88 9.00 25.86
CA TRP C 99 -21.49 9.33 27.22
C TRP C 99 -20.12 9.97 27.19
N PHE C 100 -20.00 11.14 27.83
CA PHE C 100 -18.72 11.84 27.90
C PHE C 100 -18.70 12.65 29.19
N GLU C 101 -17.94 12.19 30.18
CA GLU C 101 -17.89 12.84 31.48
C GLU C 101 -16.52 12.82 32.14
N ILE C 102 -15.70 11.80 31.92
CA ILE C 102 -14.39 11.67 32.57
C ILE C 102 -13.34 12.17 31.59
N HIS C 103 -12.78 13.35 31.86
CA HIS C 103 -11.80 13.95 30.96
C HIS C 103 -11.09 15.09 31.69
N ASN C 104 -9.99 15.54 31.10
CA ASN C 104 -9.22 16.67 31.61
C ASN C 104 -8.45 17.29 30.45
N GLU C 105 -8.45 18.62 30.39
CA GLU C 105 -7.77 19.33 29.31
C GLU C 105 -6.27 19.44 29.56
N GLU C 106 -5.86 19.64 30.81
CA GLU C 106 -4.45 19.82 31.11
C GLU C 106 -3.66 18.54 30.87
N LEU C 107 -4.11 17.43 31.45
CA LEU C 107 -3.46 16.14 31.21
C LEU C 107 -3.85 15.52 29.87
N ASP C 108 -4.86 16.05 29.20
CA ASP C 108 -5.22 15.66 27.83
C ASP C 108 -5.57 14.17 27.77
N TYR C 109 -6.60 13.79 28.52
CA TYR C 109 -7.13 12.44 28.47
C TYR C 109 -8.65 12.50 28.38
N ALA C 110 -9.23 11.45 27.82
CA ALA C 110 -10.68 11.34 27.69
C ALA C 110 -11.07 9.87 27.69
N VAL C 111 -12.09 9.54 28.48
CA VAL C 111 -12.60 8.18 28.60
C VAL C 111 -13.91 8.08 27.83
N LEU C 112 -14.01 7.07 26.99
CA LEU C 112 -15.25 6.73 26.29
C LEU C 112 -15.65 5.31 26.69
N LYS C 113 -16.87 4.92 26.30
CA LYS C 113 -17.38 3.59 26.61
C LYS C 113 -17.84 2.92 25.32
N LEU C 114 -17.39 1.68 25.11
CA LEU C 114 -17.73 0.94 23.92
C LEU C 114 -19.08 0.25 24.06
N LYS C 115 -19.76 0.07 22.94
CA LYS C 115 -21.00 -0.69 22.87
C LYS C 115 -20.68 -2.11 22.41
N GLU C 116 -20.93 -3.09 23.28
CA GLU C 116 -20.77 -4.50 22.91
C GLU C 116 -21.88 -4.86 21.93
N ASN C 117 -21.56 -4.83 20.63
CA ASN C 117 -22.50 -5.17 19.57
C ASN C 117 -22.35 -6.62 19.14
N GLY C 118 -22.24 -7.53 20.11
CA GLY C 118 -22.03 -8.93 19.82
C GLY C 118 -20.59 -9.35 19.64
N GLN C 119 -19.64 -8.44 19.86
CA GLN C 119 -18.21 -8.74 19.73
C GLN C 119 -17.54 -8.59 21.09
N GLN C 120 -16.39 -9.23 21.22
CA GLN C 120 -15.65 -9.24 22.49
C GLN C 120 -14.67 -8.08 22.53
N VAL C 121 -14.75 -7.29 23.59
CA VAL C 121 -13.79 -6.20 23.79
C VAL C 121 -12.46 -6.79 24.27
N PRO C 122 -11.33 -6.36 23.72
CA PRO C 122 -10.04 -6.92 24.14
C PRO C 122 -9.76 -6.65 25.62
N MET C 123 -8.72 -7.31 26.10
CA MET C 123 -8.34 -7.23 27.51
C MET C 123 -7.95 -5.80 27.89
N GLU C 124 -8.26 -5.43 29.12
CA GLU C 124 -7.84 -4.14 29.65
C GLU C 124 -6.32 -4.10 29.79
N LEU C 125 -5.75 -2.90 29.63
CA LEU C 125 -4.30 -2.73 29.67
C LEU C 125 -3.79 -2.17 30.99
N TYR C 126 -4.67 -1.69 31.87
CA TYR C 126 -4.28 -1.18 33.17
C TYR C 126 -4.43 -2.28 34.22
N ASN C 127 -3.30 -2.78 34.73
CA ASN C 127 -3.31 -3.80 35.76
C ASN C 127 -2.51 -3.34 36.98
N GLY C 128 -2.79 -2.14 37.45
CA GLY C 128 -2.06 -1.56 38.55
C GLY C 128 -1.16 -0.41 38.11
N ILE C 129 -0.75 0.39 39.08
CA ILE C 129 0.03 1.59 38.78
C ILE C 129 1.50 1.21 38.59
N THR C 130 2.08 1.67 37.48
CA THR C 130 3.45 1.36 37.13
C THR C 130 4.30 2.62 37.19
N PRO C 131 5.46 2.57 37.83
CA PRO C 131 6.31 3.78 37.89
C PRO C 131 6.81 4.17 36.51
N VAL C 132 6.98 5.47 36.32
CA VAL C 132 7.38 6.01 35.02
C VAL C 132 8.89 5.83 34.86
N PRO C 133 9.37 5.31 33.74
CA PRO C 133 10.82 5.21 33.52
C PRO C 133 11.43 6.59 33.28
N LEU C 134 12.44 6.91 34.08
CA LEU C 134 13.17 8.17 33.92
C LEU C 134 14.18 8.12 32.78
N SER C 135 14.50 6.93 32.28
CA SER C 135 15.39 6.77 31.14
C SER C 135 15.21 5.36 30.60
N GLY C 136 15.86 5.09 29.48
CA GLY C 136 15.86 3.77 28.88
C GLY C 136 15.01 3.70 27.63
N LEU C 137 14.55 2.50 27.34
CA LEU C 137 13.78 2.21 26.13
C LEU C 137 12.30 2.08 26.47
N ILE C 138 11.45 2.60 25.58
CA ILE C 138 10.00 2.41 25.70
C ILE C 138 9.47 1.93 24.36
N HIS C 139 8.24 1.42 24.38
CA HIS C 139 7.54 0.99 23.18
C HIS C 139 6.23 1.76 23.06
N ILE C 140 5.91 2.19 21.85
CA ILE C 140 4.66 2.89 21.58
C ILE C 140 3.90 2.07 20.54
N ILE C 141 2.61 1.83 20.81
CA ILE C 141 1.76 1.07 19.88
C ILE C 141 0.61 1.96 19.45
N GLY C 142 0.42 2.10 18.15
CA GLY C 142 -0.67 2.95 17.69
C GLY C 142 -0.82 2.94 16.19
N HIS C 143 -1.58 3.92 15.70
CA HIS C 143 -1.90 4.08 14.28
C HIS C 143 -1.40 5.45 13.82
N PRO C 144 -0.10 5.60 13.58
CA PRO C 144 0.41 6.87 13.06
C PRO C 144 -0.08 7.12 11.63
N TYR C 145 -0.39 8.38 11.35
CA TYR C 145 -0.84 8.83 10.02
C TYR C 145 -2.12 8.14 9.59
N GLY C 146 -2.86 7.52 10.52
CA GLY C 146 -4.01 6.74 10.14
C GLY C 146 -3.68 5.45 9.43
N GLU C 147 -2.44 4.96 9.58
CA GLU C 147 -2.01 3.75 8.91
C GLU C 147 -2.30 2.52 9.78
N LYS C 148 -1.95 1.35 9.26
CA LYS C 148 -2.11 0.11 9.99
C LYS C 148 -1.35 0.15 11.33
N LYS C 149 -1.74 -0.75 12.23
CA LYS C 149 -1.19 -0.73 13.58
C LYS C 149 0.30 -1.00 13.56
N GLN C 150 1.06 -0.17 14.27
CA GLN C 150 2.51 -0.27 14.29
C GLN C 150 3.02 -0.08 15.72
N ILE C 151 4.26 -0.53 15.93
CA ILE C 151 4.95 -0.44 17.21
C ILE C 151 6.32 0.18 16.96
N ASP C 152 6.73 1.08 17.84
CA ASP C 152 8.01 1.76 17.73
C ASP C 152 8.78 1.64 19.03
N ALA C 153 10.07 1.33 18.91
CA ALA C 153 10.99 1.36 20.04
C ALA C 153 11.65 2.72 20.10
N CYS C 154 11.46 3.43 21.22
CA CYS C 154 11.85 4.82 21.32
C CYS C 154 12.74 5.04 22.53
N ALA C 155 13.56 6.10 22.43
CA ALA C 155 14.44 6.52 23.52
C ALA C 155 13.75 7.60 24.35
N VAL C 156 13.80 7.42 25.66
CA VAL C 156 13.20 8.36 26.60
C VAL C 156 14.15 9.52 26.83
N ILE C 157 13.63 10.74 26.81
CA ILE C 157 14.39 11.94 27.14
C ILE C 157 14.16 12.23 28.63
N PRO C 158 15.17 12.09 29.48
CA PRO C 158 14.97 12.41 30.90
C PRO C 158 14.57 13.87 31.07
N GLN C 159 13.90 14.14 32.19
CA GLN C 159 13.42 15.50 32.46
C GLN C 159 14.58 16.48 32.51
N GLY C 160 15.66 16.12 33.19
CA GLY C 160 16.81 17.00 33.33
C GLY C 160 17.44 17.41 32.01
N GLN C 161 17.19 16.66 30.94
CA GLN C 161 17.73 17.00 29.62
C GLN C 161 16.72 17.70 28.73
N ARG C 162 15.45 17.77 29.14
CA ARG C 162 14.42 18.39 28.29
C ARG C 162 14.79 19.82 27.93
N ALA C 163 15.22 20.60 28.91
CA ALA C 163 15.62 21.98 28.63
C ALA C 163 16.86 22.03 27.75
N LYS C 164 17.73 21.03 27.84
CA LYS C 164 18.94 21.02 27.03
C LYS C 164 18.64 20.63 25.59
N LYS C 165 18.17 19.40 25.40
CA LYS C 165 17.93 18.86 24.06
C LYS C 165 17.14 19.84 23.20
N CYS C 166 16.00 20.32 23.71
CA CYS C 166 15.18 21.27 22.97
C CYS C 166 16.01 22.45 22.47
N GLN C 167 16.73 23.11 23.38
CA GLN C 167 17.49 24.29 22.98
C GLN C 167 18.55 23.94 21.95
N GLU C 168 19.06 22.71 21.98
CA GLU C 168 19.99 22.28 20.94
C GLU C 168 19.30 22.22 19.59
N ARG C 169 18.12 21.57 19.54
CA ARG C 169 17.45 21.35 18.27
C ARG C 169 17.06 22.68 17.61
N VAL C 170 16.53 23.61 18.39
CA VAL C 170 16.19 24.93 17.87
C VAL C 170 17.41 25.61 17.25
N GLN C 171 18.60 25.35 17.80
CA GLN C 171 19.81 25.96 17.26
C GLN C 171 20.17 25.41 15.89
N SER C 172 19.76 24.18 15.59
CA SER C 172 20.10 23.57 14.30
C SER C 172 19.14 23.96 13.20
N LYS C 173 17.84 23.98 13.49
CA LYS C 173 16.83 24.36 12.51
C LYS C 173 16.19 25.70 12.86
N THR C 185 11.27 29.92 20.04
CA THR C 185 11.42 30.44 21.40
C THR C 185 11.27 29.33 22.43
N GLN C 186 12.05 29.41 23.52
CA GLN C 186 11.94 28.44 24.60
C GLN C 186 10.61 28.54 25.34
N ARG C 187 9.88 29.65 25.18
CA ARG C 187 8.61 29.82 25.87
C ARG C 187 7.53 28.85 25.41
N SER C 188 7.75 28.16 24.29
CA SER C 188 6.75 27.22 23.79
C SER C 188 6.87 25.84 24.43
N PHE C 189 8.05 25.48 24.94
CA PHE C 189 8.25 24.21 25.61
C PHE C 189 8.07 24.28 27.12
N GLN C 190 7.64 25.44 27.64
CA GLN C 190 7.53 25.63 29.08
C GLN C 190 6.57 24.65 29.74
N LYS C 191 5.62 24.09 28.99
CA LYS C 191 4.63 23.21 29.58
C LYS C 191 5.12 21.77 29.74
N ILE C 192 6.33 21.45 29.30
CA ILE C 192 6.79 20.06 29.38
C ILE C 192 8.20 19.99 29.95
N VAL C 193 8.90 21.13 30.00
CA VAL C 193 10.29 21.11 30.44
C VAL C 193 10.39 20.71 31.91
N HIS C 194 9.56 21.29 32.77
CA HIS C 194 9.56 20.96 34.19
C HIS C 194 8.25 20.32 34.61
N ASN C 195 7.71 19.45 33.75
CA ASN C 195 6.42 18.83 34.02
C ASN C 195 6.62 17.38 34.42
N PRO C 196 6.46 17.03 35.71
CA PRO C 196 6.60 15.63 36.11
C PRO C 196 5.42 14.75 35.72
N ASP C 197 4.31 15.35 35.26
CA ASP C 197 3.14 14.58 34.88
C ASP C 197 3.25 13.99 33.48
N VAL C 198 4.27 14.35 32.71
CA VAL C 198 4.45 13.84 31.36
C VAL C 198 5.80 13.16 31.25
N ILE C 199 5.96 12.38 30.19
CA ILE C 199 7.20 11.73 29.84
C ILE C 199 7.55 12.11 28.41
N THR C 200 8.79 12.52 28.19
CA THR C 200 9.26 12.94 26.87
C THR C 200 10.10 11.85 26.23
N TYR C 201 10.08 11.81 24.89
CA TYR C 201 10.79 10.79 24.16
C TYR C 201 10.92 11.23 22.70
N ASP C 202 11.74 10.46 21.96
CA ASP C 202 11.95 10.67 20.53
C ASP C 202 11.36 9.47 19.79
N THR C 203 10.26 9.69 19.08
CA THR C 203 9.56 8.63 18.38
C THR C 203 9.24 9.06 16.95
N GLU C 204 8.83 8.09 16.15
CA GLU C 204 8.36 8.33 14.79
C GLU C 204 6.84 8.49 14.73
N PHE C 205 6.14 8.26 15.83
CA PHE C 205 4.68 8.37 15.86
C PHE C 205 4.26 9.76 16.36
N PHE C 206 4.70 10.78 15.62
CA PHE C 206 4.47 12.16 16.00
C PHE C 206 3.37 12.83 15.19
N PHE C 207 2.64 12.06 14.37
CA PHE C 207 1.54 12.60 13.58
C PHE C 207 0.35 11.65 13.66
N GLY C 208 -0.77 12.14 14.22
CA GLY C 208 -1.98 11.36 14.28
C GLY C 208 -1.97 10.19 15.23
N ALA C 209 -0.88 9.98 15.98
CA ALA C 209 -0.79 8.88 16.91
C ALA C 209 -1.29 9.23 18.31
N ALA C 210 -2.09 10.29 18.44
CA ALA C 210 -2.60 10.71 19.74
C ALA C 210 -3.42 9.60 20.38
N GLY C 211 -3.14 9.32 21.63
CA GLY C 211 -3.81 8.24 22.33
C GLY C 211 -3.14 6.89 22.25
N SER C 212 -1.94 6.82 21.69
CA SER C 212 -1.22 5.56 21.59
C SER C 212 -0.65 5.18 22.97
N PRO C 213 -0.80 3.93 23.40
CA PRO C 213 -0.19 3.51 24.65
C PRO C 213 1.32 3.40 24.55
N VAL C 214 1.97 3.75 25.66
CA VAL C 214 3.42 3.72 25.83
C VAL C 214 3.74 2.81 26.99
N PHE C 215 4.51 1.76 26.72
CA PHE C 215 4.91 0.73 27.66
C PHE C 215 6.40 0.79 27.91
N ASP C 216 6.82 0.34 29.10
CA ASP C 216 8.23 0.31 29.44
C ASP C 216 8.91 -0.87 28.77
N SER C 217 10.22 -1.02 29.02
CA SER C 217 10.99 -2.08 28.38
C SER C 217 10.53 -3.46 28.81
N LYS C 218 9.79 -3.57 29.91
CA LYS C 218 9.26 -4.84 30.39
C LYS C 218 7.83 -5.10 29.94
N GLY C 219 7.17 -4.12 29.33
CA GLY C 219 5.84 -4.30 28.79
C GLY C 219 4.69 -3.81 29.63
N SER C 220 4.94 -2.95 30.62
CA SER C 220 3.90 -2.42 31.49
C SER C 220 3.43 -1.06 30.99
N LEU C 221 2.12 -0.85 31.00
CA LEU C 221 1.55 0.43 30.58
C LEU C 221 2.04 1.54 31.50
N VAL C 222 2.69 2.55 30.92
CA VAL C 222 3.23 3.65 31.73
C VAL C 222 2.68 5.00 31.28
N ALA C 223 2.31 5.15 30.01
CA ALA C 223 1.92 6.48 29.56
C ALA C 223 1.02 6.40 28.33
N MET C 224 0.54 7.57 27.91
CA MET C 224 -0.27 7.72 26.70
C MET C 224 0.29 8.88 25.89
N HIS C 225 0.64 8.61 24.62
CA HIS C 225 1.23 9.61 23.74
C HIS C 225 0.25 10.74 23.46
N ALA C 226 0.72 11.99 23.63
CA ALA C 226 -0.16 13.14 23.48
C ALA C 226 0.03 13.80 22.12
N ALA C 227 1.12 14.52 21.93
CA ALA C 227 1.34 15.27 20.70
C ALA C 227 2.84 15.47 20.50
N GLY C 228 3.17 16.37 19.56
CA GLY C 228 4.55 16.71 19.28
C GLY C 228 4.66 18.14 18.77
N PHE C 229 5.85 18.51 18.30
CA PHE C 229 6.11 19.86 17.79
C PHE C 229 6.69 19.71 16.39
N ALA C 230 5.85 19.82 15.38
CA ALA C 230 6.26 19.52 14.01
C ALA C 230 6.97 20.71 13.36
N TYR C 231 7.83 20.40 12.40
CA TYR C 231 8.49 21.38 11.56
C TYR C 231 8.81 20.72 10.22
N THR C 232 9.18 21.54 9.25
CA THR C 232 9.54 21.05 7.92
C THR C 232 11.02 21.26 7.69
N TYR C 233 11.69 20.22 7.17
CA TYR C 233 13.12 20.30 6.89
C TYR C 233 13.40 19.39 5.70
N GLN C 234 13.97 19.98 4.65
CA GLN C 234 14.32 19.28 3.41
C GLN C 234 13.13 18.48 2.89
N ASN C 235 12.00 19.17 2.72
CA ASN C 235 10.75 18.60 2.20
C ASN C 235 10.26 17.42 3.02
N GLU C 236 10.67 17.31 4.29
CA GLU C 236 10.22 16.23 5.16
C GLU C 236 9.69 16.80 6.47
N THR C 237 8.57 16.27 6.92
CA THR C 237 7.95 16.71 8.17
C THR C 237 8.58 15.95 9.33
N ARG C 238 9.25 16.66 10.22
CA ARG C 238 9.87 16.11 11.41
C ARG C 238 9.23 16.71 12.65
N SER C 239 9.70 16.28 13.82
CA SER C 239 9.20 16.81 15.08
C SER C 239 10.37 16.99 16.04
N ILE C 240 10.29 18.03 16.87
CA ILE C 240 11.38 18.37 17.77
C ILE C 240 11.44 17.38 18.92
N ILE C 241 10.31 17.16 19.61
CA ILE C 241 10.26 16.26 20.75
C ILE C 241 8.82 15.79 20.88
N GLU C 242 8.63 14.58 21.41
CA GLU C 242 7.29 14.08 21.65
C GLU C 242 7.12 13.82 23.13
N PHE C 243 5.87 13.88 23.61
CA PHE C 243 5.59 13.64 25.01
C PHE C 243 4.27 12.90 25.16
N GLY C 244 4.02 12.46 26.38
CA GLY C 244 2.78 11.77 26.70
C GLY C 244 2.47 11.91 28.17
N SER C 245 1.18 11.88 28.48
CA SER C 245 0.76 11.95 29.88
C SER C 245 0.99 10.60 30.55
N THR C 246 1.65 10.62 31.71
CA THR C 246 1.88 9.39 32.43
C THR C 246 0.56 8.85 32.99
N MET C 247 0.41 7.52 32.95
CA MET C 247 -0.80 6.91 33.50
C MET C 247 -0.97 7.22 34.98
N GLU C 248 0.13 7.44 35.69
CA GLU C 248 0.04 7.80 37.11
C GLU C 248 -0.72 9.10 37.30
N SER C 249 -0.36 10.14 36.53
CA SER C 249 -1.03 11.43 36.65
C SER C 249 -2.50 11.32 36.26
N ILE C 250 -2.80 10.57 35.20
CA ILE C 250 -4.18 10.41 34.74
C ILE C 250 -5.02 9.73 35.81
N LEU C 251 -4.48 8.65 36.39
CA LEU C 251 -5.23 7.91 37.41
C LEU C 251 -5.41 8.72 38.68
N LEU C 252 -4.38 9.49 39.08
CA LEU C 252 -4.53 10.33 40.25
C LEU C 252 -5.56 11.42 40.01
N ASP C 253 -5.55 12.02 38.82
CA ASP C 253 -6.54 13.05 38.49
C ASP C 253 -7.94 12.47 38.45
N ILE C 254 -8.09 11.23 37.99
CA ILE C 254 -9.40 10.59 37.99
C ILE C 254 -9.85 10.32 39.42
N LYS C 255 -8.94 9.84 40.28
CA LYS C 255 -9.30 9.60 41.67
C LYS C 255 -9.74 10.88 42.36
N GLN C 256 -9.08 12.00 42.05
CA GLN C 256 -9.38 13.24 42.78
C GLN C 256 -10.59 13.96 42.21
N ARG C 257 -10.72 14.03 40.89
CA ARG C 257 -11.78 14.81 40.26
C ARG C 257 -13.03 13.98 39.94
N HIS C 258 -12.88 12.67 39.76
CA HIS C 258 -14.01 11.79 39.44
C HIS C 258 -13.97 10.58 40.37
N LYS C 259 -14.01 10.84 41.67
CA LYS C 259 -13.92 9.80 42.69
C LYS C 259 -15.11 8.84 42.66
N PRO C 260 -16.36 9.32 42.54
CA PRO C 260 -17.48 8.35 42.49
C PRO C 260 -17.38 7.37 41.34
N TRP C 261 -17.10 7.86 40.13
CA TRP C 261 -16.95 6.97 38.99
C TRP C 261 -15.76 6.03 39.16
N TYR C 262 -14.67 6.54 39.74
CA TYR C 262 -13.50 5.70 39.99
C TYR C 262 -13.86 4.54 40.92
N GLU C 263 -14.54 4.83 42.03
CA GLU C 263 -14.94 3.76 42.93
C GLU C 263 -15.93 2.81 42.25
N GLU C 264 -16.80 3.34 41.39
CA GLU C 264 -17.77 2.49 40.71
C GLU C 264 -17.09 1.54 39.74
N VAL C 265 -15.97 1.93 39.15
CA VAL C 265 -15.35 1.17 38.07
C VAL C 265 -14.15 0.37 38.55
N PHE C 266 -13.31 0.96 39.41
CA PHE C 266 -12.01 0.35 39.70
C PHE C 266 -11.97 -0.46 41.00
N VAL C 267 -12.69 -0.07 42.04
CA VAL C 267 -12.59 -0.79 43.30
C VAL C 267 -13.80 -1.69 43.56
N ASN C 268 -14.93 -1.42 42.93
CA ASN C 268 -16.13 -2.22 43.11
C ASN C 268 -16.27 -3.23 41.96
N GLY D 1 -48.52 -3.18 -25.42
CA GLY D 1 -48.87 -2.25 -24.36
C GLY D 1 -49.22 -0.88 -24.89
N HIS D 2 -50.50 -0.53 -24.82
CA HIS D 2 -51.02 0.69 -25.44
C HIS D 2 -51.75 1.58 -24.44
N MET D 3 -51.32 1.58 -23.18
CA MET D 3 -51.98 2.38 -22.16
C MET D 3 -51.26 3.67 -21.81
N GLY D 4 -49.94 3.70 -21.88
CA GLY D 4 -49.20 4.91 -21.60
C GLY D 4 -48.40 5.40 -22.78
N LYS D 5 -47.29 6.09 -22.52
CA LYS D 5 -46.37 6.50 -23.57
C LYS D 5 -45.43 5.33 -23.88
N VAL D 6 -45.61 4.70 -25.03
CA VAL D 6 -44.94 3.45 -25.37
C VAL D 6 -44.34 3.55 -26.77
N THR D 7 -43.14 2.99 -26.94
CA THR D 7 -42.52 2.83 -28.23
C THR D 7 -42.98 1.52 -28.87
N LYS D 8 -43.08 1.53 -30.20
CA LYS D 8 -43.56 0.36 -30.92
C LYS D 8 -42.58 -0.80 -30.77
N ASN D 9 -43.07 -1.92 -30.24
CA ASN D 9 -42.26 -3.13 -30.07
C ASN D 9 -42.25 -4.00 -31.31
N SER D 10 -43.24 -3.87 -32.19
CA SER D 10 -43.35 -4.73 -33.35
C SER D 10 -42.29 -4.41 -34.40
N SER D 11 -41.93 -5.41 -35.19
CA SER D 11 -40.95 -5.28 -36.25
C SER D 11 -41.54 -5.80 -37.55
N SER D 12 -40.92 -5.41 -38.66
CA SER D 12 -41.35 -5.90 -39.96
C SER D 12 -40.77 -7.29 -40.23
N ILE D 13 -41.44 -8.03 -41.11
CA ILE D 13 -41.01 -9.39 -41.41
C ILE D 13 -39.65 -9.40 -42.08
N LYS D 14 -39.35 -8.38 -42.90
CA LYS D 14 -38.05 -8.31 -43.57
C LYS D 14 -36.92 -8.21 -42.55
N VAL D 15 -37.07 -7.29 -41.58
CA VAL D 15 -36.04 -7.11 -40.56
C VAL D 15 -35.90 -8.37 -39.70
N VAL D 16 -37.02 -9.03 -39.40
CA VAL D 16 -36.96 -10.22 -38.56
C VAL D 16 -36.28 -11.37 -39.30
N LYS D 17 -36.51 -11.47 -40.61
CA LYS D 17 -35.80 -12.48 -41.40
C LYS D 17 -34.30 -12.18 -41.44
N LEU D 18 -33.94 -10.91 -41.60
CA LEU D 18 -32.53 -10.54 -41.53
C LEU D 18 -31.94 -10.92 -40.19
N LEU D 19 -32.68 -10.68 -39.10
CA LEU D 19 -32.15 -10.95 -37.76
C LEU D 19 -32.01 -12.45 -37.50
N VAL D 20 -32.94 -13.26 -38.00
CA VAL D 20 -32.78 -14.70 -37.82
C VAL D 20 -31.63 -15.22 -38.67
N ARG D 21 -31.33 -14.55 -39.79
CA ARG D 21 -30.11 -14.89 -40.53
C ARG D 21 -28.86 -14.53 -39.72
N LEU D 22 -28.85 -13.34 -39.10
CA LEU D 22 -27.70 -12.89 -38.32
C LEU D 22 -27.51 -13.68 -37.04
N SER D 23 -28.58 -14.27 -36.50
CA SER D 23 -28.47 -14.98 -35.23
C SER D 23 -27.54 -16.19 -35.34
N ASP D 24 -27.42 -16.77 -36.54
CA ASP D 24 -26.48 -17.87 -36.73
C ASP D 24 -25.05 -17.45 -36.45
N SER D 25 -24.77 -16.15 -36.41
CA SER D 25 -23.47 -15.62 -36.08
C SER D 25 -23.35 -15.24 -34.60
N VAL D 26 -24.41 -15.41 -33.83
CA VAL D 26 -24.38 -15.17 -32.38
C VAL D 26 -24.08 -16.49 -31.69
N GLY D 27 -23.12 -16.46 -30.77
CA GLY D 27 -22.60 -17.68 -30.19
C GLY D 27 -22.72 -17.69 -28.68
N TYR D 28 -22.95 -18.89 -28.13
CA TYR D 28 -22.92 -19.15 -26.71
C TYR D 28 -21.50 -19.56 -26.32
N LEU D 29 -20.87 -18.78 -25.45
CA LEU D 29 -19.49 -18.98 -25.04
C LEU D 29 -19.49 -19.50 -23.61
N PHE D 30 -19.10 -20.76 -23.42
CA PHE D 30 -19.05 -21.36 -22.11
C PHE D 30 -17.64 -21.82 -21.79
N TRP D 31 -17.27 -21.71 -20.52
CA TRP D 31 -15.93 -22.05 -20.09
C TRP D 31 -15.96 -22.89 -18.82
N ASP D 32 -15.02 -23.83 -18.74
CA ASP D 32 -14.84 -24.72 -17.60
C ASP D 32 -13.39 -24.58 -17.18
N SER D 33 -13.11 -23.60 -16.32
CA SER D 33 -11.76 -23.32 -15.86
C SER D 33 -11.66 -23.47 -14.35
N ALA D 34 -11.07 -22.48 -13.68
CA ALA D 34 -11.15 -22.44 -12.22
C ALA D 34 -12.57 -22.15 -11.77
N THR D 35 -13.32 -21.41 -12.57
CA THR D 35 -14.76 -21.24 -12.41
C THR D 35 -15.44 -21.69 -13.70
N THR D 36 -16.72 -22.05 -13.57
CA THR D 36 -17.53 -22.47 -14.71
C THR D 36 -18.56 -21.38 -15.01
N GLY D 37 -18.66 -20.99 -16.27
CA GLY D 37 -19.57 -19.92 -16.59
C GLY D 37 -19.92 -19.85 -18.06
N TYR D 38 -20.76 -18.86 -18.38
CA TYR D 38 -21.28 -18.67 -19.73
C TYR D 38 -21.40 -17.18 -20.04
N ALA D 39 -21.50 -16.89 -21.32
CA ALA D 39 -21.69 -15.53 -21.84
C ALA D 39 -22.07 -15.65 -23.31
N THR D 40 -22.24 -14.50 -23.95
CA THR D 40 -22.60 -14.43 -25.36
C THR D 40 -21.47 -13.73 -26.12
N CYS D 41 -21.31 -14.12 -27.39
CA CYS D 41 -20.32 -13.49 -28.27
C CYS D 41 -20.91 -13.43 -29.66
N PHE D 42 -20.19 -12.79 -30.59
CA PHE D 42 -20.64 -12.83 -31.98
C PHE D 42 -19.45 -12.68 -32.92
N VAL D 43 -19.56 -13.31 -34.09
CA VAL D 43 -18.53 -13.24 -35.12
C VAL D 43 -18.36 -11.79 -35.56
N PHE D 44 -17.24 -11.18 -35.16
CA PHE D 44 -16.95 -9.79 -35.51
C PHE D 44 -16.46 -9.68 -36.95
N LYS D 45 -15.29 -10.22 -37.22
CA LYS D 45 -14.66 -10.09 -38.54
C LYS D 45 -13.89 -11.36 -38.83
N GLY D 46 -14.20 -12.01 -39.95
CA GLY D 46 -13.50 -13.22 -40.33
C GLY D 46 -13.66 -14.30 -39.28
N LEU D 47 -12.53 -14.74 -38.73
CA LEU D 47 -12.52 -15.71 -37.65
C LEU D 47 -12.61 -15.07 -36.27
N PHE D 48 -12.44 -13.76 -36.17
CA PHE D 48 -12.45 -13.10 -34.88
C PHE D 48 -13.87 -12.95 -34.37
N ILE D 49 -14.03 -13.15 -33.07
CA ILE D 49 -15.31 -12.96 -32.39
C ILE D 49 -15.13 -11.90 -31.31
N LEU D 50 -16.25 -11.28 -30.94
CA LEU D 50 -16.29 -10.19 -29.99
C LEU D 50 -17.16 -10.60 -28.80
N THR D 51 -16.69 -10.28 -27.60
CA THR D 51 -17.43 -10.47 -26.36
C THR D 51 -17.04 -9.35 -25.41
N CYS D 52 -17.41 -9.50 -24.14
CA CYS D 52 -17.11 -8.48 -23.14
C CYS D 52 -15.79 -8.80 -22.42
N ARG D 53 -15.19 -7.76 -21.85
CA ARG D 53 -13.91 -7.88 -21.16
C ARG D 53 -14.06 -8.51 -19.77
N HIS D 54 -15.11 -8.10 -19.03
CA HIS D 54 -15.35 -8.72 -17.73
C HIS D 54 -15.65 -10.21 -17.85
N VAL D 55 -16.09 -10.66 -19.03
CA VAL D 55 -16.20 -12.09 -19.28
C VAL D 55 -14.83 -12.74 -19.20
N ILE D 56 -13.81 -12.11 -19.80
CA ILE D 56 -12.46 -12.64 -19.70
C ILE D 56 -11.98 -12.60 -18.25
N ASP D 57 -12.34 -11.54 -17.52
CA ASP D 57 -12.02 -11.47 -16.10
C ASP D 57 -12.59 -12.68 -15.35
N SER D 58 -13.85 -13.03 -15.63
CA SER D 58 -14.47 -14.18 -14.99
C SER D 58 -13.85 -15.49 -15.44
N ILE D 59 -13.41 -15.57 -16.69
CA ILE D 59 -12.80 -16.80 -17.20
C ILE D 59 -11.46 -17.05 -16.50
N VAL D 60 -10.59 -16.05 -16.47
CA VAL D 60 -9.24 -16.24 -15.94
C VAL D 60 -9.29 -16.37 -14.43
N GLY D 61 -9.78 -15.34 -13.75
CA GLY D 61 -9.85 -15.31 -12.31
C GLY D 61 -8.99 -14.22 -11.70
N ASP D 62 -9.18 -14.03 -10.41
CA ASP D 62 -8.45 -12.98 -9.70
C ASP D 62 -7.04 -13.44 -9.34
N GLY D 63 -6.08 -12.53 -9.49
CA GLY D 63 -4.71 -12.76 -9.06
C GLY D 63 -3.84 -13.52 -10.05
N ILE D 64 -4.40 -14.07 -11.13
CA ILE D 64 -3.60 -14.83 -12.07
C ILE D 64 -2.68 -13.91 -12.85
N GLU D 65 -1.47 -14.38 -13.13
CA GLU D 65 -0.50 -13.58 -13.85
C GLU D 65 -1.03 -13.30 -15.27
N PRO D 66 -0.89 -12.07 -15.76
CA PRO D 66 -1.42 -11.77 -17.11
C PRO D 66 -0.80 -12.63 -18.20
N SER D 67 0.48 -12.97 -18.06
CA SER D 67 1.17 -13.77 -19.08
C SER D 67 0.52 -15.12 -19.32
N LYS D 68 -0.35 -15.57 -18.42
CA LYS D 68 -1.03 -16.85 -18.57
C LYS D 68 -2.42 -16.72 -19.19
N TRP D 69 -3.01 -15.52 -19.17
CA TRP D 69 -4.41 -15.36 -19.56
C TRP D 69 -4.72 -16.05 -20.89
N ALA D 70 -3.99 -15.65 -21.94
CA ALA D 70 -4.19 -16.26 -23.25
C ALA D 70 -4.15 -17.79 -23.17
N THR D 71 -3.09 -18.33 -22.56
CA THR D 71 -2.93 -19.78 -22.50
C THR D 71 -4.10 -20.43 -21.78
N ILE D 72 -4.71 -19.73 -20.82
CA ILE D 72 -5.89 -20.28 -20.16
C ILE D 72 -7.08 -20.24 -21.09
N ILE D 73 -7.29 -19.11 -21.77
CA ILE D 73 -8.47 -18.94 -22.63
C ILE D 73 -8.52 -20.05 -23.67
N GLY D 74 -7.47 -20.14 -24.49
CA GLY D 74 -7.39 -21.13 -25.54
C GLY D 74 -7.44 -22.57 -25.06
N GLN D 75 -7.53 -22.76 -23.74
CA GLN D 75 -7.62 -24.07 -23.15
C GLN D 75 -8.99 -24.37 -22.53
N CYS D 76 -9.75 -23.34 -22.15
CA CYS D 76 -10.98 -23.56 -21.39
C CYS D 76 -12.23 -23.03 -22.07
N VAL D 77 -12.11 -22.06 -22.98
CA VAL D 77 -13.26 -21.45 -23.62
C VAL D 77 -13.73 -22.32 -24.79
N ARG D 78 -15.04 -22.50 -24.90
CA ARG D 78 -15.66 -23.14 -26.04
C ARG D 78 -16.85 -22.31 -26.49
N VAL D 79 -17.09 -22.29 -27.79
CA VAL D 79 -18.14 -21.44 -28.37
C VAL D 79 -18.99 -22.26 -29.32
N THR D 80 -20.30 -22.29 -29.11
CA THR D 80 -21.21 -22.97 -30.02
C THR D 80 -22.16 -21.97 -30.65
N PHE D 81 -22.49 -22.18 -31.93
CA PHE D 81 -23.39 -21.28 -32.64
C PHE D 81 -24.75 -21.91 -32.92
N GLY D 82 -24.99 -23.14 -32.48
CA GLY D 82 -26.24 -23.80 -32.76
C GLY D 82 -27.07 -24.09 -31.52
N TYR D 83 -26.88 -23.29 -30.48
CA TYR D 83 -27.61 -23.45 -29.22
C TYR D 83 -28.99 -22.81 -29.38
N GLU D 84 -29.88 -23.55 -30.03
CA GLU D 84 -31.28 -23.14 -30.14
C GLU D 84 -32.23 -24.05 -29.37
N GLU D 85 -31.80 -25.27 -29.04
CA GLU D 85 -32.52 -26.17 -28.15
C GLU D 85 -31.61 -26.56 -27.00
N LEU D 86 -32.21 -27.11 -25.95
CA LEU D 86 -31.44 -27.46 -24.77
C LEU D 86 -30.40 -28.54 -25.08
N LYS D 87 -30.74 -29.48 -25.96
CA LYS D 87 -29.82 -30.56 -26.30
C LYS D 87 -28.56 -30.06 -27.01
N ASP D 88 -28.62 -28.87 -27.62
CA ASP D 88 -27.50 -28.32 -28.36
C ASP D 88 -26.69 -27.31 -27.55
N LYS D 89 -26.76 -27.39 -26.21
CA LYS D 89 -26.14 -26.38 -25.37
C LYS D 89 -24.62 -26.38 -25.52
N GLU D 90 -24.01 -27.57 -25.52
CA GLU D 90 -22.56 -27.71 -25.56
C GLU D 90 -22.15 -28.73 -26.61
N THR D 91 -22.71 -28.58 -27.82
CA THR D 91 -22.40 -29.44 -28.94
C THR D 91 -21.96 -28.59 -30.13
N ASN D 92 -21.14 -29.21 -30.99
CA ASN D 92 -20.61 -28.55 -32.19
C ASN D 92 -19.95 -27.21 -31.84
N TYR D 93 -18.90 -27.29 -31.03
CA TYR D 93 -18.26 -26.10 -30.48
C TYR D 93 -16.87 -25.90 -31.07
N PHE D 94 -16.51 -24.63 -31.22
CA PHE D 94 -15.18 -24.18 -31.56
C PHE D 94 -14.34 -23.98 -30.30
N PHE D 95 -13.04 -24.23 -30.43
CA PHE D 95 -12.06 -23.74 -29.49
C PHE D 95 -11.59 -22.35 -29.89
N VAL D 96 -10.90 -21.69 -28.98
CA VAL D 96 -10.33 -20.36 -29.23
C VAL D 96 -8.81 -20.48 -29.25
N GLU D 97 -8.18 -19.71 -30.13
CA GLU D 97 -6.72 -19.68 -30.15
C GLU D 97 -6.21 -19.08 -28.84
N PRO D 98 -5.04 -19.53 -28.37
CA PRO D 98 -4.44 -18.91 -27.18
C PRO D 98 -3.94 -17.51 -27.48
N TRP D 99 -4.86 -16.56 -27.59
CA TRP D 99 -4.53 -15.20 -28.04
C TRP D 99 -5.48 -14.22 -27.39
N PHE D 100 -4.92 -13.22 -26.70
CA PHE D 100 -5.72 -12.19 -26.04
C PHE D 100 -4.92 -10.90 -26.02
N GLU D 101 -5.19 -10.02 -26.99
CA GLU D 101 -4.40 -8.80 -27.13
C GLU D 101 -5.27 -7.56 -27.36
N ILE D 102 -6.44 -7.73 -27.95
CA ILE D 102 -7.32 -6.61 -28.30
C ILE D 102 -8.46 -6.58 -27.30
N HIS D 103 -8.47 -5.58 -26.42
CA HIS D 103 -9.51 -5.47 -25.40
C HIS D 103 -9.47 -4.07 -24.80
N ASN D 104 -10.48 -3.78 -23.98
CA ASN D 104 -10.56 -2.50 -23.28
C ASN D 104 -11.47 -2.67 -22.08
N GLU D 105 -11.05 -2.13 -20.93
CA GLU D 105 -11.85 -2.24 -19.72
C GLU D 105 -12.98 -1.21 -19.71
N GLU D 106 -12.69 0.02 -20.14
CA GLU D 106 -13.68 1.10 -20.06
C GLU D 106 -14.86 0.84 -20.99
N LEU D 107 -14.58 0.54 -22.26
CA LEU D 107 -15.66 0.19 -23.19
C LEU D 107 -16.13 -1.25 -23.03
N ASP D 108 -15.35 -2.08 -22.33
CA ASP D 108 -15.73 -3.43 -21.97
C ASP D 108 -15.98 -4.30 -23.21
N TYR D 109 -14.92 -4.47 -24.01
CA TYR D 109 -14.96 -5.38 -25.14
C TYR D 109 -13.68 -6.19 -25.18
N ALA D 110 -13.75 -7.32 -25.89
CA ALA D 110 -12.61 -8.24 -25.97
C ALA D 110 -12.74 -9.04 -27.26
N VAL D 111 -11.63 -9.16 -27.98
CA VAL D 111 -11.58 -9.87 -29.26
C VAL D 111 -10.87 -11.20 -29.04
N LEU D 112 -11.50 -12.28 -29.49
CA LEU D 112 -10.92 -13.61 -29.49
C LEU D 112 -10.91 -14.14 -30.91
N LYS D 113 -10.22 -15.26 -31.12
CA LYS D 113 -10.10 -15.84 -32.46
C LYS D 113 -10.51 -17.29 -32.44
N LEU D 114 -11.47 -17.64 -33.31
CA LEU D 114 -11.90 -19.03 -33.43
C LEU D 114 -10.81 -19.87 -34.09
N LYS D 115 -10.79 -21.15 -33.73
CA LYS D 115 -9.84 -22.11 -34.26
C LYS D 115 -10.58 -23.06 -35.18
N GLU D 116 -10.25 -23.01 -36.48
CA GLU D 116 -10.92 -23.86 -37.47
C GLU D 116 -10.65 -25.34 -37.19
N ASN D 117 -11.62 -26.00 -36.56
CA ASN D 117 -11.52 -27.43 -36.26
C ASN D 117 -12.37 -28.29 -37.17
N GLY D 118 -12.78 -27.76 -38.32
CA GLY D 118 -13.66 -28.46 -39.23
C GLY D 118 -15.10 -28.02 -39.18
N GLN D 119 -15.46 -27.17 -38.22
CA GLN D 119 -16.82 -26.67 -38.10
C GLN D 119 -17.03 -25.49 -39.04
N GLN D 120 -18.29 -25.10 -39.21
CA GLN D 120 -18.66 -24.05 -40.15
C GLN D 120 -18.57 -22.69 -39.47
N VAL D 121 -17.67 -21.84 -39.94
CA VAL D 121 -17.54 -20.50 -39.37
C VAL D 121 -18.70 -19.64 -39.84
N PRO D 122 -19.42 -18.97 -38.93
CA PRO D 122 -20.58 -18.18 -39.35
C PRO D 122 -20.15 -16.91 -40.08
N MET D 123 -21.14 -16.27 -40.69
CA MET D 123 -20.93 -14.99 -41.36
C MET D 123 -20.58 -13.91 -40.35
N GLU D 124 -19.67 -13.01 -40.73
CA GLU D 124 -19.29 -11.92 -39.84
C GLU D 124 -20.41 -10.87 -39.80
N LEU D 125 -20.63 -10.30 -38.63
CA LEU D 125 -21.72 -9.35 -38.45
C LEU D 125 -21.30 -7.90 -38.71
N TYR D 126 -20.00 -7.62 -38.75
CA TYR D 126 -19.53 -6.26 -39.02
C TYR D 126 -19.45 -6.06 -40.52
N ASN D 127 -20.34 -5.22 -41.04
CA ASN D 127 -20.29 -4.79 -42.44
C ASN D 127 -19.68 -3.39 -42.55
N GLY D 128 -20.23 -2.42 -41.83
CA GLY D 128 -19.69 -1.08 -41.80
C GLY D 128 -20.03 -0.38 -40.51
N ILE D 129 -19.74 0.92 -40.44
CA ILE D 129 -20.04 1.71 -39.24
C ILE D 129 -21.45 2.28 -39.38
N THR D 130 -22.29 1.98 -38.39
CA THR D 130 -23.67 2.43 -38.37
C THR D 130 -23.87 3.44 -37.26
N PRO D 131 -24.49 4.59 -37.51
CA PRO D 131 -24.71 5.56 -36.44
C PRO D 131 -25.65 5.01 -35.39
N VAL D 132 -25.43 5.43 -34.15
CA VAL D 132 -26.21 4.94 -33.02
C VAL D 132 -27.57 5.65 -33.01
N PRO D 133 -28.67 4.94 -32.84
CA PRO D 133 -29.97 5.61 -32.75
C PRO D 133 -30.10 6.35 -31.41
N LEU D 134 -30.62 7.57 -31.47
CA LEU D 134 -30.87 8.34 -30.27
C LEU D 134 -32.11 7.88 -29.52
N SER D 135 -32.99 7.15 -30.21
CA SER D 135 -34.23 6.64 -29.61
C SER D 135 -34.77 5.56 -30.52
N GLY D 136 -35.95 5.04 -30.19
CA GLY D 136 -36.61 4.07 -31.04
C GLY D 136 -36.49 2.64 -30.56
N LEU D 137 -36.45 1.71 -31.51
CA LEU D 137 -36.46 0.28 -31.21
C LEU D 137 -35.14 -0.34 -31.62
N ILE D 138 -34.67 -1.30 -30.83
CA ILE D 138 -33.48 -2.09 -31.17
C ILE D 138 -33.78 -3.56 -30.91
N HIS D 139 -32.85 -4.41 -31.31
CA HIS D 139 -32.98 -5.85 -31.14
C HIS D 139 -31.70 -6.40 -30.54
N ILE D 140 -31.84 -7.24 -29.51
CA ILE D 140 -30.70 -7.91 -28.89
C ILE D 140 -30.82 -9.39 -29.18
N ILE D 141 -29.73 -10.02 -29.59
CA ILE D 141 -29.72 -11.46 -29.83
C ILE D 141 -28.64 -12.08 -28.95
N GLY D 142 -29.04 -13.04 -28.13
CA GLY D 142 -28.07 -13.64 -27.23
C GLY D 142 -28.61 -14.82 -26.45
N HIS D 143 -27.87 -15.18 -25.40
CA HIS D 143 -28.19 -16.32 -24.54
C HIS D 143 -28.34 -15.82 -23.11
N PRO D 144 -29.49 -15.22 -22.77
CA PRO D 144 -29.70 -14.78 -21.38
C PRO D 144 -29.92 -15.97 -20.47
N TYR D 145 -29.43 -15.85 -19.23
CA TYR D 145 -29.47 -16.90 -18.22
C TYR D 145 -28.82 -18.21 -18.67
N GLY D 146 -28.07 -18.18 -19.77
CA GLY D 146 -27.53 -19.40 -20.32
C GLY D 146 -28.53 -20.24 -21.08
N GLU D 147 -29.71 -19.71 -21.38
CA GLU D 147 -30.75 -20.46 -22.06
C GLU D 147 -30.48 -20.50 -23.56
N LYS D 148 -31.37 -21.17 -24.29
CA LYS D 148 -31.27 -21.22 -25.75
C LYS D 148 -31.30 -19.81 -26.33
N LYS D 149 -30.87 -19.71 -27.59
CA LYS D 149 -30.70 -18.40 -28.22
C LYS D 149 -32.04 -17.69 -28.35
N GLN D 150 -32.06 -16.42 -27.95
CA GLN D 150 -33.27 -15.61 -27.92
C GLN D 150 -33.01 -14.24 -28.52
N ILE D 151 -34.10 -13.60 -28.96
CA ILE D 151 -34.07 -12.27 -29.54
C ILE D 151 -35.12 -11.42 -28.82
N ASP D 152 -34.76 -10.21 -28.44
CA ASP D 152 -35.66 -9.30 -27.73
C ASP D 152 -35.66 -7.94 -28.42
N ALA D 153 -36.86 -7.42 -28.69
CA ALA D 153 -37.02 -6.07 -29.22
C ALA D 153 -37.24 -5.12 -28.05
N CYS D 154 -36.36 -4.12 -27.92
CA CYS D 154 -36.31 -3.28 -26.75
C CYS D 154 -36.40 -1.81 -27.14
N ALA D 155 -36.83 -1.00 -26.17
CA ALA D 155 -36.95 0.44 -26.35
C ALA D 155 -35.67 1.13 -25.92
N VAL D 156 -35.16 2.00 -26.78
CA VAL D 156 -33.98 2.80 -26.50
C VAL D 156 -34.36 3.93 -25.56
N ILE D 157 -33.55 4.17 -24.55
CA ILE D 157 -33.71 5.29 -23.63
C ILE D 157 -32.75 6.39 -24.10
N PRO D 158 -33.26 7.55 -24.54
CA PRO D 158 -32.36 8.61 -25.00
C PRO D 158 -31.39 9.02 -23.90
N GLN D 159 -30.21 9.49 -24.33
CA GLN D 159 -29.15 9.82 -23.39
C GLN D 159 -29.62 10.85 -22.37
N GLY D 160 -30.29 11.90 -22.84
CA GLY D 160 -30.75 12.97 -21.95
C GLY D 160 -31.73 12.51 -20.88
N GLN D 161 -32.37 11.35 -21.08
CA GLN D 161 -33.29 10.81 -20.09
C GLN D 161 -32.62 9.85 -19.10
N ARG D 162 -31.36 9.49 -19.33
CA ARG D 162 -30.71 8.50 -18.47
C ARG D 162 -30.73 8.93 -17.01
N ALA D 163 -30.41 10.20 -16.74
CA ALA D 163 -30.46 10.68 -15.36
C ALA D 163 -31.90 10.74 -14.85
N LYS D 164 -32.86 11.04 -15.72
CA LYS D 164 -34.25 11.18 -15.30
C LYS D 164 -34.86 9.82 -15.00
N LYS D 165 -35.15 9.05 -16.06
CA LYS D 165 -35.85 7.78 -15.97
C LYS D 165 -35.38 6.93 -14.79
N CYS D 166 -34.07 6.68 -14.73
CA CYS D 166 -33.51 5.85 -13.68
C CYS D 166 -33.98 6.28 -12.30
N GLN D 167 -33.79 7.55 -11.96
CA GLN D 167 -34.22 8.04 -10.65
C GLN D 167 -35.71 7.85 -10.46
N GLU D 168 -36.50 8.14 -11.50
CA GLU D 168 -37.95 7.96 -11.41
C GLU D 168 -38.31 6.54 -11.04
N ARG D 169 -37.50 5.56 -11.44
CA ARG D 169 -37.76 4.19 -11.01
C ARG D 169 -37.23 3.94 -9.60
N VAL D 170 -36.05 4.47 -9.29
CA VAL D 170 -35.44 4.30 -7.97
C VAL D 170 -36.43 4.74 -6.91
N GLN D 171 -36.72 6.04 -6.88
CA GLN D 171 -37.65 6.59 -5.90
C GLN D 171 -39.03 5.92 -5.97
N SER D 172 -39.34 5.23 -7.06
CA SER D 172 -40.62 4.56 -7.16
C SER D 172 -40.62 3.27 -6.35
N LYS D 173 -39.55 2.47 -6.48
CA LYS D 173 -39.47 1.21 -5.76
C LYS D 173 -38.83 1.37 -4.39
N LYS D 174 -37.96 2.37 -4.23
CA LYS D 174 -37.24 2.53 -2.97
C LYS D 174 -38.14 3.12 -1.89
N ALA D 175 -39.02 4.05 -2.26
CA ALA D 175 -39.93 4.65 -1.29
C ALA D 175 -40.78 3.59 -0.60
N GLU D 176 -41.16 2.56 -1.34
CA GLU D 176 -41.87 1.43 -0.75
C GLU D 176 -40.90 0.53 -0.01
N SER D 177 -41.18 0.29 1.29
CA SER D 177 -40.45 -0.64 2.14
C SER D 177 -39.01 -0.20 2.38
N PRO D 178 -38.37 -0.70 3.44
CA PRO D 178 -36.92 -0.47 3.62
C PRO D 178 -36.03 -1.63 3.19
N GLU D 179 -36.61 -2.67 2.60
CA GLU D 179 -35.84 -3.85 2.18
C GLU D 179 -35.38 -3.77 0.73
N TYR D 180 -35.73 -2.70 0.01
CA TYR D 180 -35.18 -2.45 -1.31
C TYR D 180 -33.69 -2.14 -1.21
N VAL D 181 -32.94 -2.53 -2.24
CA VAL D 181 -31.50 -2.28 -2.26
C VAL D 181 -31.00 -2.36 -3.69
N HIS D 182 -29.98 -1.56 -4.00
CA HIS D 182 -29.27 -1.64 -5.27
C HIS D 182 -28.09 -2.61 -5.14
N MET D 183 -27.79 -3.29 -6.25
CA MET D 183 -26.64 -4.17 -6.32
C MET D 183 -25.55 -3.60 -7.24
N TYR D 184 -25.40 -2.28 -7.21
CA TYR D 184 -24.40 -1.60 -8.03
C TYR D 184 -23.96 -0.33 -7.29
N THR D 185 -22.75 0.11 -7.59
CA THR D 185 -22.22 1.34 -7.00
C THR D 185 -22.66 2.54 -7.82
N GLN D 186 -22.91 3.66 -7.14
CA GLN D 186 -23.26 4.88 -7.85
C GLN D 186 -22.11 5.38 -8.71
N ARG D 187 -20.87 5.12 -8.29
CA ARG D 187 -19.71 5.44 -9.11
C ARG D 187 -19.75 4.71 -10.44
N SER D 188 -20.32 3.51 -10.46
CA SER D 188 -20.45 2.76 -11.71
C SER D 188 -21.62 3.24 -12.56
N PHE D 189 -22.64 3.82 -11.94
CA PHE D 189 -23.78 4.31 -12.70
C PHE D 189 -23.48 5.66 -13.34
N GLN D 190 -22.72 6.52 -12.64
CA GLN D 190 -22.41 7.83 -13.18
C GLN D 190 -21.48 7.76 -14.39
N LYS D 191 -20.97 6.58 -14.74
CA LYS D 191 -20.10 6.41 -15.88
C LYS D 191 -20.86 6.20 -17.19
N ILE D 192 -22.19 6.10 -17.14
CA ILE D 192 -23.01 5.98 -18.34
C ILE D 192 -24.04 7.09 -18.45
N VAL D 193 -24.15 7.99 -17.46
CA VAL D 193 -25.22 8.98 -17.44
C VAL D 193 -25.06 9.95 -18.60
N HIS D 194 -23.85 10.45 -18.82
CA HIS D 194 -23.57 11.38 -19.91
C HIS D 194 -22.54 10.80 -20.87
N ASN D 195 -22.53 9.48 -21.01
CA ASN D 195 -21.52 8.79 -21.80
C ASN D 195 -22.06 8.51 -23.19
N PRO D 196 -21.54 9.16 -24.24
CA PRO D 196 -22.03 8.89 -25.60
C PRO D 196 -21.52 7.59 -26.20
N ASP D 197 -20.58 6.91 -25.54
CA ASP D 197 -20.04 5.66 -26.07
C ASP D 197 -20.92 4.47 -25.79
N VAL D 198 -21.97 4.63 -24.99
CA VAL D 198 -22.90 3.54 -24.69
C VAL D 198 -24.30 3.97 -25.13
N ILE D 199 -25.09 2.97 -25.52
CA ILE D 199 -26.51 3.15 -25.79
C ILE D 199 -27.28 2.43 -24.70
N THR D 200 -28.29 3.10 -24.16
CA THR D 200 -29.10 2.57 -23.07
C THR D 200 -30.47 2.16 -23.57
N TYR D 201 -31.03 1.14 -22.93
CA TYR D 201 -32.30 0.57 -23.35
C TYR D 201 -32.92 -0.20 -22.19
N ASP D 202 -34.20 -0.53 -22.35
CA ASP D 202 -34.93 -1.35 -21.40
C ASP D 202 -35.16 -2.72 -22.02
N THR D 203 -34.44 -3.72 -21.52
CA THR D 203 -34.50 -5.08 -22.06
C THR D 203 -34.73 -6.08 -20.95
N GLU D 204 -34.98 -7.33 -21.36
CA GLU D 204 -35.09 -8.45 -20.46
C GLU D 204 -33.81 -9.28 -20.40
N PHE D 205 -32.80 -8.92 -21.20
CA PHE D 205 -31.53 -9.65 -21.25
C PHE D 205 -30.51 -8.99 -20.32
N PHE D 206 -30.89 -8.85 -19.05
CA PHE D 206 -30.03 -8.25 -18.05
C PHE D 206 -29.27 -9.28 -17.23
N PHE D 207 -29.08 -10.49 -17.76
CA PHE D 207 -28.41 -11.55 -17.03
C PHE D 207 -27.76 -12.52 -18.00
N GLY D 208 -26.44 -12.67 -17.92
CA GLY D 208 -25.73 -13.67 -18.69
C GLY D 208 -25.66 -13.37 -20.17
N ALA D 209 -26.28 -12.27 -20.58
CA ALA D 209 -26.30 -11.87 -21.98
C ALA D 209 -25.17 -10.92 -22.33
N ALA D 210 -24.12 -10.88 -21.51
CA ALA D 210 -22.97 -10.03 -21.81
C ALA D 210 -22.32 -10.46 -23.13
N GLY D 211 -22.15 -9.50 -24.03
CA GLY D 211 -21.60 -9.78 -25.33
C GLY D 211 -22.62 -10.03 -26.43
N SER D 212 -23.89 -9.79 -26.16
CA SER D 212 -24.93 -10.04 -27.16
C SER D 212 -24.99 -8.88 -28.15
N PRO D 213 -25.04 -9.17 -29.45
CA PRO D 213 -25.14 -8.08 -30.43
C PRO D 213 -26.47 -7.36 -30.36
N VAL D 214 -26.40 -6.04 -30.58
CA VAL D 214 -27.52 -5.12 -30.53
C VAL D 214 -27.61 -4.45 -31.89
N PHE D 215 -28.71 -4.69 -32.59
CA PHE D 215 -28.98 -4.15 -33.92
C PHE D 215 -30.03 -3.05 -33.82
N ASP D 216 -30.00 -2.13 -34.78
CA ASP D 216 -30.96 -1.04 -34.83
C ASP D 216 -32.28 -1.55 -35.40
N SER D 217 -33.23 -0.64 -35.62
CA SER D 217 -34.55 -1.02 -36.10
C SER D 217 -34.51 -1.60 -37.51
N LYS D 218 -33.48 -1.27 -38.29
CA LYS D 218 -33.35 -1.81 -39.64
C LYS D 218 -32.56 -3.11 -39.70
N GLY D 219 -31.93 -3.51 -38.60
CA GLY D 219 -31.20 -4.75 -38.55
C GLY D 219 -29.69 -4.66 -38.67
N SER D 220 -29.13 -3.47 -38.51
CA SER D 220 -27.69 -3.26 -38.62
C SER D 220 -27.04 -3.28 -37.24
N LEU D 221 -25.90 -3.95 -37.15
CA LEU D 221 -25.15 -4.00 -35.89
C LEU D 221 -24.76 -2.60 -35.46
N VAL D 222 -25.16 -2.23 -34.25
CA VAL D 222 -24.85 -0.89 -33.73
C VAL D 222 -24.12 -0.96 -32.40
N ALA D 223 -24.33 -2.03 -31.64
CA ALA D 223 -23.71 -2.08 -30.31
C ALA D 223 -23.53 -3.52 -29.84
N MET D 224 -22.86 -3.65 -28.70
CA MET D 224 -22.72 -4.92 -27.99
C MET D 224 -23.18 -4.72 -26.56
N HIS D 225 -24.17 -5.51 -26.14
CA HIS D 225 -24.75 -5.37 -24.81
C HIS D 225 -23.73 -5.73 -23.73
N ALA D 226 -23.60 -4.88 -22.72
CA ALA D 226 -22.58 -5.08 -21.69
C ALA D 226 -23.18 -5.63 -20.41
N ALA D 227 -23.87 -4.77 -19.66
CA ALA D 227 -24.42 -5.18 -18.36
C ALA D 227 -25.66 -4.35 -18.09
N GLY D 228 -26.21 -4.52 -16.89
CA GLY D 228 -27.32 -3.72 -16.42
C GLY D 228 -27.07 -3.26 -15.00
N PHE D 229 -28.07 -2.58 -14.44
CA PHE D 229 -28.02 -2.10 -13.06
C PHE D 229 -29.13 -2.81 -12.30
N ALA D 230 -28.77 -3.94 -11.69
CA ALA D 230 -29.75 -4.81 -11.07
C ALA D 230 -30.14 -4.29 -9.69
N TYR D 231 -31.40 -4.55 -9.34
CA TYR D 231 -31.93 -4.24 -8.02
C TYR D 231 -32.93 -5.34 -7.67
N THR D 232 -32.94 -5.73 -6.40
CA THR D 232 -33.86 -6.76 -5.94
C THR D 232 -34.95 -6.12 -5.09
N TYR D 233 -36.17 -6.62 -5.26
CA TYR D 233 -37.33 -6.13 -4.54
C TYR D 233 -38.32 -7.27 -4.39
N GLN D 234 -38.82 -7.48 -3.18
CA GLN D 234 -39.70 -8.60 -2.86
C GLN D 234 -39.10 -9.92 -3.36
N ASN D 235 -37.79 -10.06 -3.19
CA ASN D 235 -37.03 -11.25 -3.55
C ASN D 235 -37.09 -11.56 -5.04
N GLU D 236 -37.32 -10.54 -5.88
CA GLU D 236 -37.27 -10.67 -7.33
C GLU D 236 -36.27 -9.67 -7.87
N THR D 237 -35.39 -10.12 -8.77
CA THR D 237 -34.30 -9.30 -9.27
C THR D 237 -34.68 -8.71 -10.63
N ARG D 238 -34.86 -7.39 -10.67
CA ARG D 238 -35.10 -6.65 -11.89
C ARG D 238 -33.89 -5.76 -12.17
N SER D 239 -33.97 -4.95 -13.21
CA SER D 239 -32.89 -4.06 -13.57
C SER D 239 -33.44 -2.71 -14.01
N ILE D 240 -32.81 -1.65 -13.52
CA ILE D 240 -33.31 -0.29 -13.77
C ILE D 240 -33.11 0.09 -15.23
N ILE D 241 -31.92 -0.16 -15.76
CA ILE D 241 -31.57 0.23 -17.12
C ILE D 241 -30.44 -0.67 -17.58
N GLU D 242 -30.40 -0.95 -18.89
CA GLU D 242 -29.33 -1.76 -19.45
C GLU D 242 -28.61 -0.95 -20.53
N PHE D 243 -27.37 -1.33 -20.81
CA PHE D 243 -26.59 -0.54 -21.76
C PHE D 243 -25.64 -1.43 -22.54
N GLY D 244 -25.10 -0.87 -23.60
CA GLY D 244 -24.15 -1.57 -24.45
C GLY D 244 -23.18 -0.60 -25.08
N SER D 245 -21.96 -1.08 -25.32
CA SER D 245 -20.95 -0.25 -25.96
C SER D 245 -21.23 -0.16 -27.45
N THR D 246 -21.21 1.06 -27.97
CA THR D 246 -21.47 1.26 -29.40
C THR D 246 -20.31 0.73 -30.22
N MET D 247 -20.62 0.11 -31.36
CA MET D 247 -19.58 -0.38 -32.26
C MET D 247 -18.73 0.77 -32.78
N GLU D 248 -19.28 1.98 -32.85
CA GLU D 248 -18.51 3.16 -33.20
C GLU D 248 -17.33 3.34 -32.26
N SER D 249 -17.59 3.34 -30.96
CA SER D 249 -16.54 3.53 -29.97
C SER D 249 -15.53 2.39 -29.99
N ILE D 250 -16.02 1.15 -30.12
CA ILE D 250 -15.12 0.00 -30.13
C ILE D 250 -14.19 0.06 -31.32
N LEU D 251 -14.73 0.36 -32.50
CA LEU D 251 -13.90 0.41 -33.69
C LEU D 251 -12.92 1.57 -33.63
N LEU D 252 -13.33 2.71 -33.05
CA LEU D 252 -12.41 3.82 -32.88
C LEU D 252 -11.27 3.45 -31.95
N ASP D 253 -11.59 2.75 -30.85
CA ASP D 253 -10.56 2.31 -29.91
C ASP D 253 -9.60 1.33 -30.59
N ILE D 254 -10.13 0.45 -31.43
CA ILE D 254 -9.26 -0.51 -32.13
C ILE D 254 -8.36 0.22 -33.11
N LYS D 255 -8.90 1.18 -33.87
CA LYS D 255 -8.08 1.94 -34.81
C LYS D 255 -6.99 2.71 -34.09
N GLN D 256 -7.30 3.28 -32.93
CA GLN D 256 -6.34 4.14 -32.23
C GLN D 256 -5.27 3.32 -31.52
N ARG D 257 -5.67 2.28 -30.77
CA ARG D 257 -4.74 1.54 -29.93
C ARG D 257 -4.12 0.33 -30.62
N HIS D 258 -4.75 -0.21 -31.65
CA HIS D 258 -4.24 -1.38 -32.36
C HIS D 258 -4.31 -1.14 -33.87
N LYS D 259 -3.56 -0.13 -34.34
CA LYS D 259 -3.56 0.22 -35.74
C LYS D 259 -2.98 -0.87 -36.64
N PRO D 260 -1.82 -1.48 -36.32
CA PRO D 260 -1.31 -2.53 -37.20
C PRO D 260 -2.25 -3.71 -37.35
N TRP D 261 -2.86 -4.16 -36.25
CA TRP D 261 -3.81 -5.27 -36.35
C TRP D 261 -5.06 -4.85 -37.13
N TYR D 262 -5.52 -3.61 -36.94
CA TYR D 262 -6.67 -3.14 -37.69
C TYR D 262 -6.39 -3.16 -39.19
N GLU D 263 -5.21 -2.70 -39.60
CA GLU D 263 -4.88 -2.73 -41.02
C GLU D 263 -4.63 -4.15 -41.51
N GLU D 264 -4.15 -5.03 -40.63
CA GLU D 264 -3.91 -6.41 -41.02
C GLU D 264 -5.21 -7.17 -41.24
N VAL D 265 -6.27 -6.79 -40.54
CA VAL D 265 -7.52 -7.55 -40.56
C VAL D 265 -8.56 -6.92 -41.48
N PHE D 266 -8.74 -5.60 -41.42
CA PHE D 266 -9.92 -4.96 -42.00
C PHE D 266 -9.71 -4.37 -43.40
N VAL D 267 -8.50 -3.94 -43.74
CA VAL D 267 -8.31 -3.21 -45.00
C VAL D 267 -7.67 -4.10 -46.07
N ASN D 268 -6.94 -5.12 -45.64
CA ASN D 268 -6.28 -6.01 -46.60
C ASN D 268 -7.10 -7.27 -46.84
C1 GOL E . 10.63 -3.51 16.75
O1 GOL E . 10.50 -3.13 15.41
C2 GOL E . 10.69 -5.06 16.78
O2 GOL E . 11.50 -5.58 15.77
C3 GOL E . 11.23 -5.41 18.20
O3 GOL E . 10.48 -4.67 19.11
#